data_3IAL
#
_entry.id   3IAL
#
_cell.length_a   83.338
_cell.length_b   87.624
_cell.length_c   142.410
_cell.angle_alpha   90.00
_cell.angle_beta   90.00
_cell.angle_gamma   90.00
#
_symmetry.space_group_name_H-M   'P 21 21 21'
#
loop_
_entity.id
_entity.type
_entity.pdbx_description
1 polymer 'Prolyl-tRNA synthetase'
2 non-polymer "5'-O-[(R)-hydroxy{[(2S)-pyrrolidin-2-ylcarbonyl]oxy}phosphoryl]adenosine"
3 non-polymer GLYCEROL
4 water water
#
_entity_poly.entity_id   1
_entity_poly.type   'polypeptide(L)'
_entity_poly.pdbx_seq_one_letter_code
;MAHHHHHHMGGDVTFSLTKTRDTFADWFDAIMDAAELVDRRYPVKGCVVFRPYGFFMENAIMRLCEEEYAKVGISQILFP
TVIPESFLKKESDHIKGFEAECFWVEKGGLQPLEERLALRPTSETAIYSMFSKWVRSYKDLPLKIHQTCTIFRHETKNTK
PLIRVREIHWNEAHCCHATAEDAVSQLSDYWKVIDTIFSDELCFKGQKLRRVCWDRFPGADYSEVSDVVMPCGRVLQTAG
IHNLGQRFSSTFDILYANKANESVHPYLTCAGISTRVLACALSIHGDSGGLVLPPLIAPIHVVIIPIGCGKKNNQESDQQ
VLGKVNEIADTLKSKLGLRVSIDDDFSKSMGDKLYYYELKGVPLRIEVGQRDLANGQCIVVPRDVGKDQKRVIPITEVMK
VSSHTTENHELVVKNVIKDELDAYKARLKEKAFAFHNSMVTNCKSFDEIVACIENKGGLARFPFYTTEADGEVWDKKLKD
ACSAEIRGHNPDENVLPGEVCALSGKPAVCYMYCAKSY
;
_entity_poly.pdbx_strand_id   A,B
#
loop_
_chem_comp.id
_chem_comp.type
_chem_comp.name
_chem_comp.formula
GOL non-polymer GLYCEROL 'C3 H8 O3'
PR8 non-polymer 5'-O-[(R)-hydroxy{[(2S)-pyrrolidin-2-ylcarbonyl]oxy}phosphoryl]adenosine 'C15 H21 N6 O8 P'
#
# COMPACT_ATOMS: atom_id res chain seq x y z
N THR A 14 -16.86 11.63 27.16
CA THR A 14 -15.64 12.48 27.02
C THR A 14 -14.41 11.80 27.62
N PHE A 15 -13.28 11.89 26.91
CA PHE A 15 -12.05 11.17 27.27
C PHE A 15 -11.14 11.96 28.22
N SER A 16 -10.89 11.41 29.41
CA SER A 16 -9.93 11.99 30.35
C SER A 16 -9.44 10.93 31.35
N LEU A 17 -8.92 9.84 30.79
CA LEU A 17 -8.46 8.70 31.58
C LEU A 17 -6.96 8.80 31.76
N THR A 18 -6.50 8.72 33.01
CA THR A 18 -5.06 8.73 33.30
C THR A 18 -4.44 7.45 32.77
N LYS A 19 -3.17 7.51 32.37
CA LYS A 19 -2.50 6.35 31.77
C LYS A 19 -1.45 5.82 32.74
N THR A 20 -1.85 4.83 33.52
CA THR A 20 -0.98 4.20 34.50
C THR A 20 -0.81 2.73 34.15
N ARG A 21 0.03 2.07 34.93
CA ARG A 21 0.23 0.63 34.83
C ARG A 21 -1.08 -0.15 35.05
N ASP A 22 -1.94 0.37 35.92
CA ASP A 22 -3.21 -0.28 36.27
C ASP A 22 -4.35 0.05 35.29
N THR A 23 -4.34 1.26 34.74
CA THR A 23 -5.39 1.72 33.83
C THR A 23 -5.07 1.56 32.35
N PHE A 24 -3.87 1.13 32.00
CA PHE A 24 -3.44 1.16 30.60
C PHE A 24 -4.35 0.37 29.66
N ALA A 25 -4.71 -0.85 30.06
CA ALA A 25 -5.56 -1.72 29.25
C ALA A 25 -6.85 -1.02 28.83
N ASP A 26 -7.51 -0.37 29.79
CA ASP A 26 -8.74 0.38 29.52
C ASP A 26 -8.46 1.65 28.72
N TRP A 27 -7.37 2.35 29.08
CA TRP A 27 -6.96 3.56 28.36
C TRP A 27 -6.80 3.29 26.86
N PHE A 28 -6.23 2.13 26.54
CA PHE A 28 -5.97 1.72 25.16
C PHE A 28 -7.26 1.44 24.41
N ASP A 29 -8.16 0.68 25.02
CA ASP A 29 -9.46 0.42 24.43
C ASP A 29 -10.24 1.71 24.22
N ALA A 30 -10.25 2.57 25.23
CA ALA A 30 -10.98 3.85 25.17
C ALA A 30 -10.47 4.79 24.07
N ILE A 31 -9.16 4.94 23.96
CA ILE A 31 -8.60 5.87 22.97
C ILE A 31 -8.67 5.33 21.53
N MET A 32 -8.61 4.00 21.36
CA MET A 32 -8.85 3.38 20.04
C MET A 32 -10.17 3.85 19.48
N ASP A 33 -11.19 3.88 20.33
CA ASP A 33 -12.54 4.25 19.93
C ASP A 33 -12.75 5.76 19.86
N ALA A 34 -12.37 6.48 20.91
CA ALA A 34 -12.58 7.93 20.99
C ALA A 34 -11.83 8.68 19.87
N ALA A 35 -10.63 8.19 19.53
CA ALA A 35 -9.83 8.76 18.45
C ALA A 35 -10.22 8.23 17.07
N GLU A 36 -11.11 7.24 17.04
CA GLU A 36 -11.64 6.64 15.80
C GLU A 36 -10.51 6.04 14.95
N LEU A 37 -9.63 5.33 15.64
CA LEU A 37 -8.48 4.70 15.01
C LEU A 37 -8.95 3.45 14.30
N VAL A 38 -9.71 2.63 15.02
CA VAL A 38 -10.23 1.38 14.49
C VAL A 38 -11.69 1.23 14.86
N ASP A 39 -12.35 0.22 14.31
CA ASP A 39 -13.72 -0.09 14.70
C ASP A 39 -13.87 -1.58 15.02
N ARG A 40 -14.09 -1.87 16.30
CA ARG A 40 -14.22 -3.25 16.80
CA ARG A 40 -14.22 -3.24 16.81
C ARG A 40 -15.59 -3.84 16.52
N ARG A 41 -16.53 -3.02 16.05
CA ARG A 41 -17.91 -3.45 15.86
C ARG A 41 -18.13 -4.25 14.59
N TYR A 42 -17.07 -4.46 13.81
CA TYR A 42 -17.11 -5.39 12.70
C TYR A 42 -17.28 -6.78 13.32
N PRO A 43 -18.38 -7.50 13.00
CA PRO A 43 -18.74 -8.68 13.79
C PRO A 43 -18.03 -9.99 13.42
N VAL A 44 -16.73 -9.91 13.14
CA VAL A 44 -15.87 -11.08 13.10
C VAL A 44 -14.76 -10.81 14.12
N LYS A 45 -14.62 -11.73 15.09
CA LYS A 45 -13.75 -11.54 16.23
C LYS A 45 -12.31 -11.38 15.77
N GLY A 46 -11.62 -10.37 16.29
CA GLY A 46 -10.21 -10.11 15.94
C GLY A 46 -9.98 -9.56 14.56
N CYS A 47 -11.05 -9.18 13.87
CA CYS A 47 -10.94 -8.60 12.53
C CYS A 47 -11.55 -7.22 12.60
N VAL A 48 -10.70 -6.20 12.75
CA VAL A 48 -11.17 -4.85 13.00
C VAL A 48 -10.98 -3.97 11.77
N VAL A 49 -11.83 -2.96 11.64
CA VAL A 49 -11.70 -1.99 10.56
C VAL A 49 -10.66 -0.96 10.96
N PHE A 50 -9.77 -0.62 10.04
CA PHE A 50 -8.89 0.55 10.19
C PHE A 50 -9.64 1.74 9.66
N ARG A 51 -10.05 2.64 10.54
CA ARG A 51 -10.74 3.88 10.12
C ARG A 51 -9.69 4.90 9.61
N PRO A 52 -10.13 5.95 8.89
CA PRO A 52 -9.17 6.85 8.23
C PRO A 52 -8.01 7.37 9.11
N TYR A 53 -8.33 7.83 10.32
CA TYR A 53 -7.34 8.45 11.18
C TYR A 53 -6.30 7.42 11.64
N GLY A 54 -6.77 6.20 11.91
CA GLY A 54 -5.86 5.11 12.28
C GLY A 54 -5.08 4.55 11.11
N PHE A 55 -5.73 4.42 9.95
CA PHE A 55 -5.07 3.86 8.78
C PHE A 55 -3.97 4.74 8.24
N PHE A 56 -4.13 6.06 8.34
CA PHE A 56 -3.04 6.95 7.95
C PHE A 56 -1.76 6.53 8.69
N MET A 57 -1.90 6.22 9.97
CA MET A 57 -0.75 5.91 10.82
C MET A 57 -0.07 4.60 10.41
N GLU A 58 -0.85 3.53 10.32
CA GLU A 58 -0.36 2.23 9.89
C GLU A 58 0.28 2.33 8.51
N ASN A 59 -0.36 3.08 7.62
CA ASN A 59 0.13 3.25 6.27
C ASN A 59 1.45 4.01 6.22
N ALA A 60 1.58 5.05 7.03
CA ALA A 60 2.84 5.81 7.16
C ALA A 60 4.00 4.91 7.61
N ILE A 61 3.73 4.01 8.55
CA ILE A 61 4.75 3.12 9.07
C ILE A 61 5.20 2.10 8.02
N MET A 62 4.25 1.49 7.33
CA MET A 62 4.59 0.48 6.33
C MET A 62 5.24 1.11 5.10
N ARG A 63 4.78 2.27 4.66
CA ARG A 63 5.43 3.01 3.57
C ARG A 63 6.89 3.33 3.89
N LEU A 64 7.15 3.79 5.13
CA LEU A 64 8.53 4.02 5.57
C LEU A 64 9.37 2.73 5.49
N CYS A 65 8.81 1.62 5.95
CA CYS A 65 9.49 0.32 5.91
C CYS A 65 9.78 -0.09 4.47
N GLU A 66 8.79 0.06 3.60
CA GLU A 66 8.96 -0.19 2.18
C GLU A 66 10.08 0.67 1.59
N GLU A 67 10.06 1.97 1.90
CA GLU A 67 11.08 2.89 1.40
C GLU A 67 12.48 2.51 1.86
N GLU A 68 12.62 2.18 3.14
CA GLU A 68 13.92 1.84 3.72
C GLU A 68 14.43 0.53 3.14
N TYR A 69 13.55 -0.46 3.02
CA TYR A 69 13.91 -1.73 2.40
C TYR A 69 14.39 -1.52 0.96
N ALA A 70 13.66 -0.72 0.19
CA ALA A 70 14.07 -0.36 -1.17
C ALA A 70 15.48 0.22 -1.22
N LYS A 71 15.83 1.04 -0.24
CA LYS A 71 17.16 1.68 -0.18
C LYS A 71 18.28 0.68 0.07
N VAL A 72 17.98 -0.49 0.64
CA VAL A 72 18.99 -1.53 0.87
C VAL A 72 18.76 -2.79 0.02
N GLY A 73 18.11 -2.61 -1.13
CA GLY A 73 18.05 -3.64 -2.16
C GLY A 73 17.01 -4.72 -1.95
N ILE A 74 15.99 -4.43 -1.15
CA ILE A 74 14.91 -5.39 -0.93
C ILE A 74 13.69 -4.90 -1.71
N SER A 75 13.26 -5.69 -2.68
CA SER A 75 12.25 -5.25 -3.63
C SER A 75 10.87 -5.66 -3.18
N GLN A 76 9.89 -4.78 -3.37
CA GLN A 76 8.51 -5.10 -3.02
C GLN A 76 7.84 -5.98 -4.06
N ILE A 77 7.10 -6.97 -3.57
CA ILE A 77 6.33 -7.90 -4.37
C ILE A 77 4.96 -8.12 -3.73
N LEU A 78 4.11 -8.94 -4.36
CA LEU A 78 2.86 -9.35 -3.75
C LEU A 78 2.51 -10.77 -4.20
N PHE A 79 2.42 -11.65 -3.21
CA PHE A 79 2.01 -13.03 -3.37
C PHE A 79 0.51 -13.15 -3.12
N PRO A 80 -0.10 -14.24 -3.60
CA PRO A 80 -1.50 -14.55 -3.28
C PRO A 80 -1.73 -14.79 -1.79
N THR A 81 -2.94 -14.47 -1.33
CA THR A 81 -3.37 -14.70 0.05
C THR A 81 -3.57 -16.18 0.39
N VAL A 82 -4.03 -16.94 -0.59
CA VAL A 82 -4.33 -18.36 -0.40
C VAL A 82 -3.12 -19.26 -0.64
N ILE A 83 -2.90 -20.20 0.27
CA ILE A 83 -1.80 -21.17 0.17
C ILE A 83 -2.40 -22.56 0.20
N PRO A 84 -2.14 -23.38 -0.84
CA PRO A 84 -2.70 -24.73 -0.84
C PRO A 84 -2.19 -25.55 0.35
N GLU A 85 -3.06 -26.40 0.89
CA GLU A 85 -2.74 -27.21 2.07
C GLU A 85 -1.43 -27.98 1.92
N SER A 86 -1.20 -28.55 0.72
CA SER A 86 0.00 -29.35 0.46
C SER A 86 1.28 -28.56 0.68
N PHE A 87 1.29 -27.30 0.25
CA PHE A 87 2.41 -26.40 0.49
C PHE A 87 2.66 -26.17 1.98
N LEU A 88 1.57 -25.98 2.72
CA LEU A 88 1.63 -25.52 4.11
C LEU A 88 2.18 -26.58 5.06
N LYS A 89 1.97 -27.85 4.72
CA LYS A 89 2.35 -28.97 5.58
C LYS A 89 3.76 -29.51 5.32
N LYS A 90 4.50 -28.93 4.37
CA LYS A 90 5.80 -29.47 3.95
C LYS A 90 6.86 -29.45 5.06
N GLU A 91 7.01 -28.31 5.73
CA GLU A 91 7.99 -28.19 6.81
C GLU A 91 7.35 -28.60 8.15
N SER A 92 7.80 -29.72 8.70
CA SER A 92 7.22 -30.32 9.90
C SER A 92 7.01 -29.34 11.07
N ASP A 93 8.09 -28.75 11.57
CA ASP A 93 7.98 -27.83 12.72
C ASP A 93 7.16 -26.58 12.41
N HIS A 94 7.26 -26.09 11.18
CA HIS A 94 6.50 -24.93 10.74
C HIS A 94 5.00 -25.20 10.84
N ILE A 95 4.56 -26.32 10.27
CA ILE A 95 3.15 -26.69 10.28
C ILE A 95 2.65 -27.02 11.69
N LYS A 96 3.48 -27.69 12.49
CA LYS A 96 3.13 -27.92 13.89
C LYS A 96 2.97 -26.59 14.65
N GLY A 97 3.76 -25.58 14.24
CA GLY A 97 3.68 -24.26 14.83
C GLY A 97 2.48 -23.42 14.41
N PHE A 98 1.92 -23.70 13.23
CA PHE A 98 0.86 -22.85 12.66
C PHE A 98 -0.48 -23.52 12.32
N GLU A 99 -0.55 -24.85 12.36
CA GLU A 99 -1.76 -25.55 11.92
C GLU A 99 -3.04 -25.07 12.64
N ALA A 100 -2.95 -24.88 13.95
CA ALA A 100 -4.10 -24.43 14.76
C ALA A 100 -4.64 -23.07 14.32
N GLU A 101 -3.76 -22.24 13.76
CA GLU A 101 -4.12 -20.87 13.40
C GLU A 101 -4.58 -20.69 11.95
N CYS A 102 -4.84 -21.78 11.23
CA CYS A 102 -5.24 -21.67 9.82
C CYS A 102 -6.75 -21.55 9.62
N PHE A 103 -7.17 -20.47 8.97
CA PHE A 103 -8.50 -20.40 8.39
C PHE A 103 -8.46 -21.22 7.11
N TRP A 104 -9.45 -22.10 6.92
CA TRP A 104 -9.47 -22.99 5.77
C TRP A 104 -10.60 -22.63 4.81
N VAL A 105 -10.23 -22.20 3.61
CA VAL A 105 -11.18 -21.99 2.52
C VAL A 105 -11.52 -23.35 1.95
N GLU A 106 -12.80 -23.73 1.99
CA GLU A 106 -13.21 -25.07 1.59
C GLU A 106 -14.19 -25.11 0.44
N LYS A 107 -14.82 -23.98 0.11
CA LYS A 107 -15.78 -23.93 -0.99
C LYS A 107 -15.45 -22.79 -1.95
N GLY A 108 -15.64 -23.05 -3.24
CA GLY A 108 -15.68 -22.01 -4.26
C GLY A 108 -17.12 -21.96 -4.76
N GLY A 109 -17.87 -20.95 -4.35
CA GLY A 109 -19.31 -20.91 -4.59
C GLY A 109 -19.97 -21.96 -3.72
N LEU A 110 -20.94 -22.67 -4.28
CA LEU A 110 -21.60 -23.77 -3.56
C LEU A 110 -20.78 -25.07 -3.58
N GLN A 111 -19.79 -25.13 -4.47
CA GLN A 111 -19.03 -26.37 -4.71
C GLN A 111 -17.82 -26.47 -3.79
N PRO A 112 -17.65 -27.62 -3.11
CA PRO A 112 -16.41 -27.85 -2.36
C PRO A 112 -15.17 -27.75 -3.25
N LEU A 113 -14.09 -27.19 -2.72
CA LEU A 113 -12.84 -27.10 -3.47
C LEU A 113 -12.13 -28.45 -3.48
N GLU A 114 -11.49 -28.76 -4.61
CA GLU A 114 -10.73 -30.00 -4.77
C GLU A 114 -9.66 -30.12 -3.69
N GLU A 115 -8.85 -29.07 -3.54
CA GLU A 115 -7.85 -28.95 -2.48
C GLU A 115 -8.19 -27.76 -1.58
N ARG A 116 -8.14 -27.96 -0.27
CA ARG A 116 -8.33 -26.86 0.69
C ARG A 116 -7.28 -25.80 0.47
N LEU A 117 -7.67 -24.54 0.68
CA LEU A 117 -6.74 -23.43 0.64
C LEU A 117 -6.69 -22.79 2.02
N ALA A 118 -5.50 -22.52 2.51
CA ALA A 118 -5.34 -21.81 3.76
C ALA A 118 -5.14 -20.33 3.49
N LEU A 119 -5.76 -19.48 4.30
CA LEU A 119 -5.40 -18.08 4.36
C LEU A 119 -4.03 -17.98 5.05
N ARG A 120 -3.10 -17.28 4.41
CA ARG A 120 -1.71 -17.23 4.87
C ARG A 120 -1.58 -16.81 6.34
N PRO A 121 -1.03 -17.69 7.20
CA PRO A 121 -0.70 -17.26 8.56
C PRO A 121 0.64 -16.56 8.60
N THR A 122 1.42 -16.84 7.56
CA THR A 122 2.74 -16.28 7.29
C THR A 122 3.14 -16.99 5.99
N SER A 123 4.03 -16.40 5.21
CA SER A 123 4.16 -16.79 3.79
C SER A 123 5.40 -17.62 3.37
N GLU A 124 6.19 -18.08 4.35
CA GLU A 124 7.38 -18.90 4.07
C GLU A 124 7.12 -20.00 3.03
N THR A 125 6.09 -20.81 3.28
CA THR A 125 5.82 -21.97 2.44
C THR A 125 5.43 -21.56 1.01
N ALA A 126 4.72 -20.45 0.86
CA ALA A 126 4.35 -19.94 -0.46
C ALA A 126 5.58 -19.38 -1.18
N ILE A 127 6.31 -18.53 -0.46
CA ILE A 127 7.42 -17.80 -1.03
C ILE A 127 8.60 -18.72 -1.40
N TYR A 128 8.92 -19.68 -0.54
CA TYR A 128 10.06 -20.56 -0.80
C TYR A 128 9.77 -21.62 -1.89
N SER A 129 8.51 -21.95 -2.10
CA SER A 129 8.11 -22.74 -3.27
C SER A 129 8.44 -22.00 -4.58
N MET A 130 8.33 -20.67 -4.55
CA MET A 130 8.65 -19.85 -5.73
C MET A 130 10.14 -19.55 -5.85
N PHE A 131 10.82 -19.36 -4.73
CA PHE A 131 12.29 -19.27 -4.71
C PHE A 131 12.91 -20.48 -5.41
N SER A 132 12.33 -21.66 -5.16
CA SER A 132 12.73 -22.91 -5.81
C SER A 132 12.74 -22.80 -7.35
N LYS A 133 11.74 -22.12 -7.89
CA LYS A 133 11.62 -21.90 -9.32
C LYS A 133 12.54 -20.76 -9.81
N TRP A 134 12.69 -19.71 -9.01
CA TRP A 134 13.46 -18.54 -9.44
C TRP A 134 14.98 -18.69 -9.32
N VAL A 135 15.44 -19.59 -8.45
CA VAL A 135 16.87 -19.73 -8.18
C VAL A 135 17.48 -20.91 -8.94
N ARG A 136 18.44 -20.61 -9.80
CA ARG A 136 19.13 -21.64 -10.60
C ARG A 136 20.64 -21.59 -10.39
N SER A 137 21.21 -20.39 -10.34
CA SER A 137 22.65 -20.23 -10.20
C SER A 137 23.02 -19.11 -9.23
N TYR A 138 24.30 -19.05 -8.87
CA TYR A 138 24.84 -18.02 -7.99
C TYR A 138 24.55 -16.60 -8.48
N LYS A 139 24.33 -16.43 -9.78
CA LYS A 139 24.01 -15.12 -10.37
C LYS A 139 22.59 -14.65 -10.00
N ASP A 140 21.73 -15.57 -9.57
CA ASP A 140 20.39 -15.24 -9.09
C ASP A 140 20.38 -14.78 -7.64
N LEU A 141 21.54 -14.83 -6.97
CA LEU A 141 21.64 -14.44 -5.58
C LEU A 141 22.48 -13.18 -5.42
N PRO A 142 22.16 -12.34 -4.43
CA PRO A 142 21.02 -12.54 -3.52
C PRO A 142 19.66 -12.18 -4.13
N LEU A 143 18.61 -12.82 -3.62
CA LEU A 143 17.23 -12.53 -4.00
C LEU A 143 16.53 -12.02 -2.76
N LYS A 144 16.09 -10.77 -2.80
CA LYS A 144 15.59 -10.06 -1.65
C LYS A 144 14.24 -9.44 -1.98
N ILE A 145 13.21 -9.88 -1.25
CA ILE A 145 11.85 -9.36 -1.44
C ILE A 145 11.14 -9.07 -0.12
N HIS A 146 10.08 -8.29 -0.22
CA HIS A 146 9.20 -8.03 0.91
C HIS A 146 7.81 -7.73 0.39
N GLN A 147 6.82 -7.90 1.26
CA GLN A 147 5.45 -7.54 0.92
C GLN A 147 4.71 -6.99 2.12
N THR A 148 3.88 -5.99 1.86
CA THR A 148 2.96 -5.45 2.85
C THR A 148 1.58 -6.00 2.51
N CYS A 149 0.96 -6.68 3.48
CA CYS A 149 -0.29 -7.38 3.24
C CYS A 149 -0.91 -7.73 4.58
N THR A 150 -1.96 -8.54 4.58
CA THR A 150 -2.47 -9.10 5.82
C THR A 150 -2.31 -10.61 5.87
N ILE A 151 -2.11 -11.09 7.10
CA ILE A 151 -2.04 -12.52 7.38
C ILE A 151 -3.14 -12.87 8.36
N PHE A 152 -3.36 -14.17 8.54
CA PHE A 152 -4.52 -14.66 9.28
C PHE A 152 -4.13 -15.72 10.31
N ARG A 153 -4.51 -15.48 11.57
CA ARG A 153 -4.19 -16.37 12.68
C ARG A 153 -5.48 -16.60 13.45
N HIS A 154 -6.09 -17.77 13.24
CA HIS A 154 -7.41 -18.06 13.80
C HIS A 154 -7.42 -18.20 15.31
N GLU A 155 -6.41 -18.88 15.85
CA GLU A 155 -6.42 -19.28 17.26
C GLU A 155 -6.15 -18.12 18.24
N THR A 156 -5.80 -16.94 17.73
CA THR A 156 -5.58 -15.79 18.59
C THR A 156 -6.77 -15.60 19.53
N LYS A 157 -6.46 -15.49 20.82
CA LYS A 157 -7.45 -15.27 21.88
C LYS A 157 -7.22 -13.91 22.53
N ASN A 158 -8.18 -13.49 23.35
CA ASN A 158 -8.12 -12.21 24.03
C ASN A 158 -7.72 -11.12 23.07
N THR A 159 -8.48 -11.02 21.99
CA THR A 159 -8.12 -10.12 20.91
C THR A 159 -8.13 -8.69 21.42
N LYS A 160 -7.27 -7.88 20.82
CA LYS A 160 -7.12 -6.49 21.18
C LYS A 160 -6.59 -5.79 19.95
N PRO A 161 -7.31 -4.74 19.47
CA PRO A 161 -6.87 -4.09 18.25
C PRO A 161 -5.37 -3.82 18.22
N LEU A 162 -4.77 -4.07 17.06
CA LEU A 162 -3.34 -3.84 16.77
C LEU A 162 -2.36 -4.79 17.47
N ILE A 163 -2.69 -5.25 18.68
CA ILE A 163 -1.78 -6.04 19.51
C ILE A 163 -1.99 -7.54 19.30
N ARG A 164 -3.25 -7.98 19.33
CA ARG A 164 -3.61 -9.40 19.22
C ARG A 164 -4.86 -9.52 18.36
N VAL A 165 -4.66 -9.68 17.05
CA VAL A 165 -5.76 -9.75 16.11
C VAL A 165 -5.69 -11.04 15.29
N ARG A 166 -6.78 -11.33 14.60
CA ARG A 166 -6.93 -12.54 13.79
C ARG A 166 -6.65 -12.25 12.32
N GLU A 167 -6.95 -11.04 11.86
CA GLU A 167 -6.39 -10.55 10.59
C GLU A 167 -5.43 -9.40 10.89
N ILE A 168 -4.19 -9.60 10.49
CA ILE A 168 -3.07 -8.79 10.94
C ILE A 168 -2.43 -8.08 9.77
N HIS A 169 -2.39 -6.75 9.81
CA HIS A 169 -1.71 -6.00 8.77
C HIS A 169 -0.20 -5.99 9.08
N TRP A 170 0.61 -6.42 8.13
CA TRP A 170 2.05 -6.50 8.39
C TRP A 170 2.91 -6.34 7.16
N ASN A 171 4.21 -6.22 7.40
CA ASN A 171 5.20 -6.38 6.35
C ASN A 171 6.12 -7.54 6.68
N GLU A 172 6.35 -8.39 5.68
CA GLU A 172 7.29 -9.50 5.81
C GLU A 172 8.31 -9.43 4.68
N ALA A 173 9.59 -9.50 5.05
CA ALA A 173 10.68 -9.54 4.09
C ALA A 173 11.27 -10.94 4.12
N HIS A 174 11.64 -11.46 2.94
CA HIS A 174 12.30 -12.77 2.82
C HIS A 174 13.47 -12.67 1.84
N CYS A 175 14.64 -13.15 2.25
CA CYS A 175 15.81 -13.10 1.40
C CYS A 175 16.44 -14.47 1.28
N CYS A 176 17.05 -14.70 0.12
CA CYS A 176 17.76 -15.93 -0.19
C CYS A 176 19.23 -15.57 -0.45
N HIS A 177 20.14 -16.24 0.25
CA HIS A 177 21.55 -15.87 0.28
C HIS A 177 22.46 -17.01 -0.15
N ALA A 178 23.62 -16.66 -0.69
CA ALA A 178 24.60 -17.64 -1.18
C ALA A 178 25.32 -18.35 -0.05
N THR A 179 25.69 -17.58 0.97
CA THR A 179 26.48 -18.07 2.09
C THR A 179 25.81 -17.81 3.46
N ALA A 180 26.32 -18.50 4.47
CA ALA A 180 25.86 -18.30 5.85
C ALA A 180 26.21 -16.90 6.32
N GLU A 181 27.38 -16.41 5.90
CA GLU A 181 27.82 -15.05 6.25
C GLU A 181 26.90 -13.97 5.69
N ASP A 182 26.44 -14.15 4.45
CA ASP A 182 25.51 -13.20 3.84
C ASP A 182 24.20 -13.15 4.64
N ALA A 183 23.75 -14.31 5.12
CA ALA A 183 22.52 -14.41 5.90
C ALA A 183 22.62 -13.65 7.22
N VAL A 184 23.79 -13.73 7.85
CA VAL A 184 24.04 -13.00 9.11
C VAL A 184 24.08 -11.50 8.86
N SER A 185 24.70 -11.09 7.76
CA SER A 185 24.77 -9.67 7.38
C SER A 185 23.38 -9.10 7.05
N GLN A 186 22.51 -9.93 6.49
CA GLN A 186 21.15 -9.50 6.19
C GLN A 186 20.38 -9.12 7.47
N LEU A 187 20.61 -9.86 8.54
CA LEU A 187 19.97 -9.58 9.83
C LEU A 187 20.32 -8.18 10.35
N SER A 188 21.57 -7.75 10.13
CA SER A 188 22.00 -6.42 10.51
C SER A 188 21.26 -5.35 9.72
N ASP A 189 21.00 -5.59 8.43
CA ASP A 189 20.23 -4.67 7.58
C ASP A 189 18.78 -4.53 8.07
N TYR A 190 18.16 -5.64 8.44
CA TYR A 190 16.80 -5.61 8.97
C TYR A 190 16.77 -4.77 10.23
N TRP A 191 17.76 -4.97 11.11
CA TRP A 191 17.85 -4.22 12.37
C TRP A 191 18.02 -2.71 12.23
N LYS A 192 18.79 -2.27 11.23
CA LYS A 192 18.94 -0.82 10.95
C LYS A 192 17.61 -0.19 10.55
N VAL A 193 16.87 -0.90 9.72
CA VAL A 193 15.52 -0.46 9.34
C VAL A 193 14.58 -0.37 10.54
N ILE A 194 14.62 -1.40 11.41
CA ILE A 194 13.80 -1.40 12.64
C ILE A 194 14.17 -0.21 13.53
N ASP A 195 15.47 0.08 13.68
CA ASP A 195 15.89 1.21 14.51
C ASP A 195 15.41 2.54 13.93
N THR A 196 15.49 2.67 12.61
CA THR A 196 15.00 3.85 11.91
C THR A 196 13.52 4.09 12.18
N ILE A 197 12.72 3.05 12.00
CA ILE A 197 11.27 3.14 12.22
C ILE A 197 10.96 3.37 13.70
N PHE A 198 11.47 2.50 14.56
CA PHE A 198 11.10 2.48 15.97
C PHE A 198 11.61 3.73 16.70
N SER A 199 12.90 3.98 16.60
CA SER A 199 13.53 5.03 17.40
C SER A 199 13.64 6.37 16.71
N ASP A 200 14.21 6.40 15.50
CA ASP A 200 14.43 7.65 14.78
C ASP A 200 13.13 8.35 14.41
N GLU A 201 12.11 7.58 14.02
CA GLU A 201 10.84 8.15 13.59
C GLU A 201 9.74 8.02 14.63
N LEU A 202 9.55 6.82 15.19
CA LEU A 202 8.47 6.64 16.16
C LEU A 202 8.89 6.94 17.62
N CYS A 203 10.17 7.24 17.83
CA CYS A 203 10.67 7.76 19.12
C CYS A 203 10.48 6.82 20.31
N PHE A 204 10.53 5.51 20.09
CA PHE A 204 10.57 4.57 21.20
C PHE A 204 11.66 3.51 20.99
N LYS A 205 11.82 2.68 22.03
CA LYS A 205 12.93 1.74 22.14
C LYS A 205 12.35 0.38 22.56
N GLY A 206 12.98 -0.70 22.11
CA GLY A 206 12.70 -2.04 22.59
C GLY A 206 13.99 -2.74 22.96
N GLN A 207 13.89 -3.82 23.72
CA GLN A 207 15.06 -4.63 24.05
C GLN A 207 15.34 -5.65 22.94
N LYS A 208 16.53 -5.56 22.35
CA LYS A 208 16.97 -6.51 21.33
C LYS A 208 17.44 -7.80 22.01
N LEU A 209 16.92 -8.92 21.55
CA LEU A 209 17.26 -10.22 22.15
C LEU A 209 17.38 -11.31 21.10
N ARG A 210 18.29 -12.24 21.36
CA ARG A 210 18.21 -13.56 20.78
C ARG A 210 17.12 -14.29 21.57
N ARG A 211 16.03 -14.63 20.90
CA ARG A 211 14.94 -15.36 21.55
C ARG A 211 15.42 -16.71 22.08
N VAL A 212 14.95 -17.10 23.26
CA VAL A 212 15.36 -18.37 23.87
C VAL A 212 15.14 -19.49 22.87
N CYS A 213 16.09 -20.41 22.81
CA CYS A 213 16.12 -21.39 21.72
C CYS A 213 14.90 -22.30 21.72
N TRP A 214 14.30 -22.56 22.90
CA TRP A 214 13.10 -23.40 22.98
C TRP A 214 11.83 -22.70 22.48
N ASP A 215 11.93 -21.40 22.21
CA ASP A 215 10.81 -20.61 21.71
C ASP A 215 11.12 -19.86 20.41
N ARG A 216 11.89 -20.48 19.52
CA ARG A 216 12.22 -19.92 18.20
C ARG A 216 11.00 -19.88 17.26
N PHE A 217 11.10 -19.06 16.21
CA PHE A 217 10.16 -19.14 15.08
C PHE A 217 10.17 -20.58 14.56
N PRO A 218 8.98 -21.18 14.37
CA PRO A 218 8.96 -22.58 13.92
C PRO A 218 9.65 -22.79 12.57
N GLY A 219 10.77 -23.50 12.58
CA GLY A 219 11.54 -23.74 11.37
C GLY A 219 12.77 -22.86 11.25
N ALA A 220 13.00 -22.00 12.24
CA ALA A 220 14.16 -21.10 12.23
C ALA A 220 15.34 -21.78 12.91
N ASP A 221 16.55 -21.45 12.49
CA ASP A 221 17.74 -21.83 13.22
C ASP A 221 17.83 -20.99 14.48
N TYR A 222 17.64 -19.68 14.34
CA TYR A 222 17.51 -18.82 15.51
C TYR A 222 16.65 -17.59 15.24
N SER A 223 16.16 -16.97 16.31
CA SER A 223 15.30 -15.80 16.19
C SER A 223 15.84 -14.63 17.00
N GLU A 224 15.75 -13.45 16.41
CA GLU A 224 16.07 -12.21 17.07
C GLU A 224 14.79 -11.38 17.16
N VAL A 225 14.65 -10.65 18.25
CA VAL A 225 13.39 -9.97 18.52
C VAL A 225 13.63 -8.61 19.14
N SER A 226 12.67 -7.71 18.96
CA SER A 226 12.56 -6.51 19.78
C SER A 226 11.37 -6.70 20.73
N ASP A 227 11.67 -6.86 22.01
CA ASP A 227 10.65 -6.92 23.05
C ASP A 227 10.51 -5.52 23.66
N VAL A 228 9.34 -4.92 23.49
CA VAL A 228 9.10 -3.53 23.89
C VAL A 228 8.27 -3.50 25.18
N VAL A 229 8.70 -2.70 26.14
CA VAL A 229 7.98 -2.52 27.42
C VAL A 229 6.77 -1.60 27.24
N MET A 230 5.58 -2.14 27.50
CA MET A 230 4.33 -1.37 27.41
C MET A 230 4.04 -0.76 28.77
N PRO A 231 3.18 0.29 28.83
CA PRO A 231 2.89 1.01 30.08
C PRO A 231 2.35 0.16 31.25
N CYS A 232 1.72 -0.97 30.95
CA CYS A 232 1.26 -1.92 31.95
C CYS A 232 2.38 -2.78 32.55
N GLY A 233 3.58 -2.71 31.99
CA GLY A 233 4.73 -3.45 32.51
C GLY A 233 4.96 -4.79 31.84
N ARG A 234 4.07 -5.18 30.94
CA ARG A 234 4.27 -6.40 30.14
C ARG A 234 5.06 -6.03 28.89
N VAL A 235 5.71 -7.01 28.29
CA VAL A 235 6.50 -6.78 27.09
C VAL A 235 5.79 -7.32 25.86
N LEU A 236 5.95 -6.63 24.75
CA LEU A 236 5.30 -6.97 23.51
C LEU A 236 6.37 -7.19 22.44
N GLN A 237 6.41 -8.39 21.87
CA GLN A 237 7.33 -8.70 20.78
C GLN A 237 6.86 -7.92 19.56
N THR A 238 7.66 -6.92 19.17
CA THR A 238 7.25 -5.96 18.18
C THR A 238 8.10 -6.01 16.87
N ALA A 239 9.14 -6.84 16.87
CA ALA A 239 9.85 -7.21 15.63
C ALA A 239 10.36 -8.64 15.76
N GLY A 240 10.35 -9.36 14.65
CA GLY A 240 10.85 -10.72 14.57
C GLY A 240 11.72 -10.84 13.35
N ILE A 241 12.97 -11.19 13.58
CA ILE A 241 14.01 -11.20 12.55
C ILE A 241 14.72 -12.53 12.70
N HIS A 242 14.64 -13.37 11.66
CA HIS A 242 14.98 -14.79 11.79
C HIS A 242 16.02 -15.28 10.79
N ASN A 243 16.90 -16.14 11.29
CA ASN A 243 17.86 -16.86 10.47
C ASN A 243 17.31 -18.27 10.26
N LEU A 244 16.81 -18.55 9.06
CA LEU A 244 16.19 -19.85 8.78
C LEU A 244 17.20 -20.90 8.35
N GLY A 245 18.46 -20.51 8.17
CA GLY A 245 19.50 -21.42 7.74
C GLY A 245 19.16 -22.06 6.39
N GLN A 246 19.41 -23.36 6.27
CA GLN A 246 19.17 -24.11 5.03
C GLN A 246 17.99 -25.07 5.14
N ARG A 247 17.35 -25.11 6.31
CA ARG A 247 16.27 -26.03 6.60
C ARG A 247 15.16 -25.96 5.56
N PHE A 248 14.63 -24.76 5.34
CA PHE A 248 13.54 -24.57 4.37
C PHE A 248 14.02 -24.84 2.94
N SER A 249 15.25 -24.46 2.63
CA SER A 249 15.81 -24.65 1.28
C SER A 249 15.80 -26.13 0.87
N SER A 250 16.16 -27.00 1.81
CA SER A 250 16.09 -28.44 1.62
C SER A 250 14.65 -28.94 1.44
N THR A 251 13.76 -28.48 2.30
CA THR A 251 12.36 -28.90 2.25
C THR A 251 11.68 -28.51 0.93
N PHE A 252 11.93 -27.29 0.47
CA PHE A 252 11.31 -26.76 -0.76
C PHE A 252 12.18 -26.88 -2.03
N ASP A 253 13.28 -27.64 -1.94
CA ASP A 253 14.18 -27.91 -3.08
C ASP A 253 14.69 -26.62 -3.74
N ILE A 254 15.19 -25.71 -2.91
CA ILE A 254 15.88 -24.53 -3.40
C ILE A 254 17.35 -24.91 -3.53
N LEU A 255 17.85 -24.90 -4.76
CA LEU A 255 19.23 -25.25 -5.06
C LEU A 255 19.80 -24.27 -6.08
N TYR A 256 21.07 -23.91 -5.93
CA TYR A 256 21.75 -23.11 -6.93
C TYR A 256 23.08 -23.75 -7.33
N ALA A 257 23.41 -23.65 -8.62
CA ALA A 257 24.72 -24.06 -9.11
C ALA A 257 25.72 -22.93 -8.78
N ASN A 258 26.73 -23.25 -7.97
CA ASN A 258 27.73 -22.27 -7.58
C ASN A 258 28.79 -22.06 -8.68
N LYS A 259 29.81 -21.24 -8.39
CA LYS A 259 30.87 -20.93 -9.38
C LYS A 259 31.57 -22.18 -9.93
N ALA A 260 31.72 -23.20 -9.08
CA ALA A 260 32.35 -24.47 -9.47
C ALA A 260 31.33 -25.52 -9.94
N ASN A 261 30.13 -25.08 -10.29
CA ASN A 261 29.06 -25.97 -10.79
C ASN A 261 28.59 -27.06 -9.82
N GLU A 262 28.79 -26.83 -8.52
CA GLU A 262 28.25 -27.71 -7.49
C GLU A 262 26.82 -27.27 -7.15
N SER A 263 25.95 -28.24 -6.92
CA SER A 263 24.56 -27.99 -6.57
C SER A 263 24.45 -27.83 -5.06
N VAL A 264 24.06 -26.65 -4.59
CA VAL A 264 24.04 -26.35 -3.14
C VAL A 264 22.82 -25.56 -2.67
N HIS A 265 22.46 -25.75 -1.40
CA HIS A 265 21.31 -25.07 -0.79
C HIS A 265 21.69 -23.68 -0.31
N PRO A 266 20.91 -22.65 -0.70
CA PRO A 266 21.16 -21.31 -0.19
C PRO A 266 20.59 -21.11 1.22
N TYR A 267 20.94 -19.97 1.82
CA TYR A 267 20.52 -19.64 3.18
C TYR A 267 19.36 -18.67 3.08
N LEU A 268 18.35 -18.84 3.94
CA LEU A 268 17.16 -17.99 3.95
C LEU A 268 17.05 -17.23 5.25
N THR A 269 16.63 -15.96 5.15
CA THR A 269 16.32 -15.13 6.31
C THR A 269 14.98 -14.43 6.10
N CYS A 270 14.33 -14.06 7.19
CA CYS A 270 13.09 -13.28 7.09
C CYS A 270 12.91 -12.32 8.25
N ALA A 271 12.02 -11.33 8.04
CA ALA A 271 11.78 -10.32 9.05
C ALA A 271 10.35 -9.83 8.96
N GLY A 272 9.76 -9.56 10.12
CA GLY A 272 8.35 -9.20 10.19
C GLY A 272 8.08 -8.10 11.19
N ILE A 273 7.29 -7.12 10.78
CA ILE A 273 6.69 -6.13 11.67
C ILE A 273 5.22 -5.99 11.35
N SER A 274 4.42 -5.68 12.36
CA SER A 274 2.99 -5.65 12.21
C SER A 274 2.42 -4.37 12.81
N THR A 275 1.11 -4.38 13.02
CA THR A 275 0.38 -3.31 13.70
C THR A 275 0.86 -3.07 15.13
N ARG A 276 1.64 -4.00 15.70
CA ARG A 276 2.20 -3.80 17.04
C ARG A 276 3.12 -2.60 17.13
N VAL A 277 3.77 -2.24 16.02
CA VAL A 277 4.65 -1.07 16.00
C VAL A 277 3.81 0.17 16.32
N LEU A 278 2.71 0.35 15.58
CA LEU A 278 1.78 1.44 15.84
C LEU A 278 1.30 1.41 17.30
N ALA A 279 0.90 0.22 17.75
CA ALA A 279 0.46 0.01 19.13
C ALA A 279 1.45 0.58 20.17
N CYS A 280 2.73 0.24 19.99
CA CYS A 280 3.80 0.71 20.87
C CYS A 280 3.89 2.24 20.85
N ALA A 281 4.00 2.79 19.65
CA ALA A 281 4.13 4.24 19.47
C ALA A 281 2.99 5.00 20.16
N LEU A 282 1.76 4.60 19.88
CA LEU A 282 0.59 5.24 20.48
C LEU A 282 0.58 5.10 22.00
N SER A 283 0.87 3.89 22.47
CA SER A 283 0.77 3.52 23.88
C SER A 283 1.84 4.16 24.75
N ILE A 284 3.07 4.16 24.25
CA ILE A 284 4.20 4.67 25.01
C ILE A 284 4.15 6.19 25.13
N HIS A 285 3.81 6.88 24.04
CA HIS A 285 3.73 8.35 24.02
C HIS A 285 2.43 8.95 24.56
N GLY A 286 1.35 8.16 24.62
CA GLY A 286 0.05 8.67 25.06
C GLY A 286 0.03 9.21 26.48
N ASP A 287 -0.95 10.07 26.77
CA ASP A 287 -1.13 10.60 28.13
C ASP A 287 -2.61 10.64 28.50
N SER A 288 -2.93 11.31 29.61
CA SER A 288 -4.31 11.35 30.12
C SER A 288 -5.28 12.14 29.24
N GLY A 289 -4.73 12.97 28.36
CA GLY A 289 -5.54 13.71 27.41
C GLY A 289 -5.84 12.92 26.15
N GLY A 290 -5.13 11.81 25.94
CA GLY A 290 -5.31 10.98 24.78
C GLY A 290 -4.00 10.71 24.07
N LEU A 291 -4.04 10.77 22.74
CA LEU A 291 -2.88 10.44 21.92
C LEU A 291 -1.87 11.57 21.91
N VAL A 292 -0.62 11.20 21.69
CA VAL A 292 0.47 12.13 21.44
C VAL A 292 1.30 11.49 20.34
N LEU A 293 1.18 12.03 19.12
CA LEU A 293 1.67 11.35 17.92
C LEU A 293 3.02 11.88 17.47
N PRO A 294 3.99 10.97 17.24
CA PRO A 294 5.19 11.37 16.52
C PRO A 294 4.82 11.91 15.13
N PRO A 295 5.61 12.85 14.60
CA PRO A 295 5.25 13.47 13.32
C PRO A 295 4.99 12.49 12.17
N LEU A 296 5.76 11.41 12.09
CA LEU A 296 5.58 10.42 11.02
C LEU A 296 4.12 9.94 10.90
N ILE A 297 3.46 9.69 12.01
CA ILE A 297 2.12 9.11 11.99
C ILE A 297 0.99 10.11 12.32
N ALA A 298 1.31 11.39 12.45
CA ALA A 298 0.29 12.42 12.67
C ALA A 298 -0.41 12.77 11.36
N PRO A 299 -1.70 12.39 11.20
CA PRO A 299 -2.41 12.77 9.98
C PRO A 299 -2.37 14.27 9.73
N ILE A 300 -2.37 15.04 10.83
CA ILE A 300 -2.22 16.48 10.79
C ILE A 300 -1.07 16.86 11.71
N HIS A 301 -0.04 17.52 11.17
CA HIS A 301 1.07 18.01 11.99
C HIS A 301 0.67 19.22 12.84
N VAL A 302 -0.10 20.11 12.23
CA VAL A 302 -0.46 21.39 12.83
C VAL A 302 -1.94 21.68 12.62
N VAL A 303 -2.66 21.96 13.70
CA VAL A 303 -4.02 22.50 13.60
C VAL A 303 -3.96 24.00 13.90
N ILE A 304 -4.49 24.81 12.98
CA ILE A 304 -4.54 26.27 13.16
C ILE A 304 -5.95 26.69 13.54
N ILE A 305 -6.08 27.38 14.67
CA ILE A 305 -7.40 27.72 15.21
C ILE A 305 -7.58 29.22 15.38
N PRO A 306 -8.52 29.82 14.62
CA PRO A 306 -8.84 31.23 14.89
C PRO A 306 -9.56 31.35 16.22
N ILE A 307 -9.11 32.26 17.07
CA ILE A 307 -9.72 32.46 18.39
C ILE A 307 -10.32 33.85 18.51
N GLY A 308 -11.30 33.98 19.41
CA GLY A 308 -11.95 35.26 19.70
C GLY A 308 -12.78 35.83 18.56
N CYS A 309 -13.22 34.98 17.63
CA CYS A 309 -14.01 35.44 16.49
C CYS A 309 -15.50 35.36 16.80
N GLY A 310 -16.32 35.94 15.92
CA GLY A 310 -17.77 35.88 16.04
C GLY A 310 -18.37 36.82 17.06
N LYS A 311 -17.57 37.76 17.58
CA LYS A 311 -18.07 38.77 18.52
C LYS A 311 -18.97 39.76 17.81
N LYS A 312 -19.68 40.55 18.61
CA LYS A 312 -20.62 41.54 18.11
C LYS A 312 -19.87 42.63 17.34
N ASN A 313 -20.24 42.84 16.07
CA ASN A 313 -19.74 43.97 15.28
C ASN A 313 -18.22 43.94 15.08
N ASN A 314 -17.69 42.75 14.80
CA ASN A 314 -16.25 42.55 14.68
C ASN A 314 -15.89 41.73 13.43
N GLN A 315 -16.69 41.89 12.37
CA GLN A 315 -16.52 41.10 11.15
C GLN A 315 -15.25 41.45 10.40
N GLU A 316 -14.82 42.71 10.50
CA GLU A 316 -13.60 43.16 9.82
C GLU A 316 -12.39 42.43 10.40
N SER A 317 -12.28 42.46 11.73
CA SER A 317 -11.17 41.83 12.44
C SER A 317 -11.15 40.30 12.26
N ASP A 318 -12.33 39.70 12.15
CA ASP A 318 -12.43 38.25 11.92
C ASP A 318 -11.87 37.85 10.57
N GLN A 319 -12.19 38.59 9.52
CA GLN A 319 -11.65 38.28 8.18
C GLN A 319 -10.15 38.53 8.08
N GLN A 320 -9.63 39.46 8.89
CA GLN A 320 -8.19 39.65 9.00
C GLN A 320 -7.54 38.42 9.63
N VAL A 321 -8.12 37.95 10.74
CA VAL A 321 -7.65 36.75 11.44
C VAL A 321 -7.70 35.52 10.54
N LEU A 322 -8.83 35.33 9.85
CA LEU A 322 -9.00 34.18 8.95
C LEU A 322 -8.06 34.27 7.76
N GLY A 323 -7.89 35.47 7.22
CA GLY A 323 -6.95 35.71 6.13
C GLY A 323 -5.52 35.31 6.51
N LYS A 324 -5.11 35.69 7.72
CA LYS A 324 -3.76 35.38 8.19
C LYS A 324 -3.63 33.89 8.53
N VAL A 325 -4.70 33.30 9.05
CA VAL A 325 -4.73 31.86 9.32
C VAL A 325 -4.51 31.07 8.03
N ASN A 326 -5.15 31.51 6.95
CA ASN A 326 -4.96 30.89 5.64
C ASN A 326 -3.55 31.08 5.08
N GLU A 327 -2.96 32.25 5.30
CA GLU A 327 -1.59 32.52 4.87
C GLU A 327 -0.57 31.62 5.54
N ILE A 328 -0.76 31.38 6.83
CA ILE A 328 0.10 30.50 7.61
C ILE A 328 -0.05 29.06 7.10
N ALA A 329 -1.29 28.60 6.97
CA ALA A 329 -1.55 27.25 6.48
C ALA A 329 -0.89 27.01 5.11
N ASP A 330 -1.11 27.95 4.19
CA ASP A 330 -0.55 27.87 2.84
C ASP A 330 0.98 27.80 2.82
N THR A 331 1.64 28.58 3.69
CA THR A 331 3.10 28.54 3.82
C THR A 331 3.59 27.20 4.39
N LEU A 332 2.94 26.74 5.46
CA LEU A 332 3.33 25.48 6.10
C LEU A 332 3.08 24.27 5.20
N LYS A 333 1.98 24.30 4.46
CA LYS A 333 1.62 23.21 3.55
C LYS A 333 2.53 23.16 2.33
N SER A 334 2.65 24.30 1.64
CA SER A 334 3.32 24.37 0.34
C SER A 334 4.84 24.49 0.41
N LYS A 335 5.34 25.35 1.30
CA LYS A 335 6.78 25.57 1.43
C LYS A 335 7.50 24.50 2.25
N LEU A 336 6.88 24.06 3.34
CA LEU A 336 7.51 23.08 4.26
C LEU A 336 7.03 21.63 4.09
N GLY A 337 5.88 21.44 3.43
CA GLY A 337 5.34 20.10 3.19
C GLY A 337 4.59 19.48 4.37
N LEU A 338 4.29 20.27 5.39
CA LEU A 338 3.56 19.77 6.56
C LEU A 338 2.07 19.60 6.26
N ARG A 339 1.43 18.72 7.01
CA ARG A 339 0.01 18.50 6.91
C ARG A 339 -0.66 19.46 7.89
N VAL A 340 -1.47 20.38 7.37
CA VAL A 340 -2.08 21.42 8.19
C VAL A 340 -3.59 21.43 8.02
N SER A 341 -4.31 21.53 9.13
CA SER A 341 -5.76 21.64 9.13
C SER A 341 -6.17 22.96 9.81
N ILE A 342 -7.18 23.62 9.24
CA ILE A 342 -7.73 24.85 9.79
C ILE A 342 -9.12 24.56 10.34
N ASP A 343 -9.33 24.83 11.63
CA ASP A 343 -10.66 24.70 12.21
C ASP A 343 -11.28 26.08 12.39
N ASP A 344 -11.94 26.57 11.35
CA ASP A 344 -12.61 27.87 11.39
C ASP A 344 -14.11 27.74 11.59
N ASP A 345 -14.56 26.61 12.14
CA ASP A 345 -15.97 26.40 12.45
C ASP A 345 -16.31 27.21 13.69
N PHE A 346 -16.95 28.36 13.51
CA PHE A 346 -17.29 29.26 14.62
C PHE A 346 -18.49 28.79 15.45
N SER A 347 -19.20 27.77 14.97
CA SER A 347 -20.32 27.21 15.72
C SER A 347 -19.87 26.35 16.91
N LYS A 348 -18.61 25.92 16.91
CA LYS A 348 -18.07 25.05 17.96
C LYS A 348 -17.26 25.83 18.99
N SER A 349 -17.43 25.47 20.26
CA SER A 349 -16.70 26.08 21.37
C SER A 349 -15.19 25.87 21.26
N MET A 350 -14.43 26.81 21.80
CA MET A 350 -12.98 26.68 21.87
C MET A 350 -12.57 25.50 22.74
N GLY A 351 -13.32 25.26 23.81
CA GLY A 351 -13.08 24.14 24.71
C GLY A 351 -13.23 22.79 24.02
N ASP A 352 -14.27 22.65 23.21
CA ASP A 352 -14.50 21.42 22.44
C ASP A 352 -13.41 21.18 21.40
N LYS A 353 -12.92 22.24 20.77
CA LYS A 353 -11.84 22.12 19.78
C LYS A 353 -10.53 21.69 20.47
N LEU A 354 -10.15 22.38 21.53
CA LEU A 354 -8.95 22.03 22.31
C LEU A 354 -8.95 20.56 22.69
N TYR A 355 -10.02 20.13 23.35
CA TYR A 355 -10.18 18.74 23.79
C TYR A 355 -10.02 17.75 22.64
N TYR A 356 -10.65 18.06 21.50
CA TYR A 356 -10.65 17.16 20.34
C TYR A 356 -9.26 16.97 19.74
N TYR A 357 -8.54 18.06 19.50
CA TYR A 357 -7.22 17.98 18.89
C TYR A 357 -6.18 17.44 19.88
N GLU A 358 -6.42 17.66 21.16
CA GLU A 358 -5.62 17.05 22.21
C GLU A 358 -5.79 15.53 22.16
N LEU A 359 -7.05 15.09 22.20
CA LEU A 359 -7.40 13.67 22.13
C LEU A 359 -6.80 12.96 20.89
N LYS A 360 -6.83 13.65 19.75
CA LYS A 360 -6.36 13.10 18.48
C LYS A 360 -4.83 13.21 18.30
N GLY A 361 -4.17 13.86 19.24
CA GLY A 361 -2.71 13.85 19.32
C GLY A 361 -1.97 14.73 18.34
N VAL A 362 -2.64 15.76 17.82
CA VAL A 362 -2.02 16.67 16.85
C VAL A 362 -0.81 17.32 17.50
N PRO A 363 0.39 17.13 16.90
CA PRO A 363 1.64 17.60 17.50
C PRO A 363 1.60 19.06 17.94
N LEU A 364 1.18 19.96 17.03
CA LEU A 364 1.18 21.40 17.29
C LEU A 364 -0.18 22.05 17.08
N ARG A 365 -0.55 22.93 18.00
CA ARG A 365 -1.72 23.78 17.86
C ARG A 365 -1.22 25.20 17.69
N ILE A 366 -1.69 25.89 16.65
CA ILE A 366 -1.42 27.30 16.47
C ILE A 366 -2.70 28.11 16.69
N GLU A 367 -2.68 29.02 17.65
CA GLU A 367 -3.83 29.86 17.95
C GLU A 367 -3.60 31.27 17.45
N VAL A 368 -4.54 31.79 16.67
CA VAL A 368 -4.47 33.14 16.10
C VAL A 368 -5.74 33.94 16.42
N GLY A 369 -5.58 35.08 17.08
CA GLY A 369 -6.70 35.98 17.41
C GLY A 369 -6.38 37.44 17.16
N GLN A 370 -7.40 38.30 17.28
CA GLN A 370 -7.24 39.74 17.09
C GLN A 370 -6.15 40.32 17.97
N ARG A 371 -6.24 40.03 19.27
CA ARG A 371 -5.28 40.52 20.26
C ARG A 371 -3.83 40.19 19.87
N ASP A 372 -3.57 38.92 19.58
CA ASP A 372 -2.22 38.46 19.22
C ASP A 372 -1.80 39.00 17.84
N LEU A 373 -2.76 39.11 16.92
CA LEU A 373 -2.51 39.68 15.59
C LEU A 373 -2.08 41.15 15.66
N ALA A 374 -2.54 41.89 16.67
CA ALA A 374 -2.19 43.31 16.82
C ALA A 374 -0.75 43.50 17.30
N ASN A 375 -0.23 42.50 18.02
CA ASN A 375 1.16 42.49 18.47
C ASN A 375 2.09 41.75 17.50
N GLY A 376 1.55 41.31 16.37
CA GLY A 376 2.33 40.60 15.34
C GLY A 376 2.78 39.20 15.76
N GLN A 377 2.00 38.56 16.64
CA GLN A 377 2.37 37.29 17.25
C GLN A 377 1.26 36.24 17.15
N CYS A 378 1.63 34.98 17.37
CA CYS A 378 0.68 33.88 17.49
C CYS A 378 1.15 32.91 18.58
N ILE A 379 0.23 32.08 19.07
CA ILE A 379 0.53 31.13 20.13
C ILE A 379 0.67 29.72 19.57
N VAL A 380 1.83 29.12 19.84
CA VAL A 380 2.13 27.76 19.40
C VAL A 380 2.19 26.82 20.60
N VAL A 381 1.32 25.81 20.63
CA VAL A 381 1.26 24.88 21.75
C VAL A 381 1.59 23.43 21.32
N PRO A 382 2.78 22.92 21.71
CA PRO A 382 3.10 21.52 21.48
C PRO A 382 2.22 20.60 22.31
N ARG A 383 1.88 19.44 21.77
CA ARG A 383 0.93 18.53 22.40
C ARG A 383 1.46 17.88 23.68
N ASP A 384 2.76 17.61 23.71
CA ASP A 384 3.33 16.87 24.84
C ASP A 384 3.42 17.72 26.12
N VAL A 385 3.81 18.98 25.96
CA VAL A 385 3.99 19.89 27.12
C VAL A 385 2.78 20.77 27.41
N GLY A 386 1.96 21.03 26.39
CA GLY A 386 0.68 21.72 26.58
C GLY A 386 0.78 23.21 26.88
N LYS A 387 -0.36 23.80 27.24
CA LYS A 387 -0.52 25.25 27.34
C LYS A 387 0.30 25.93 28.44
N ASP A 388 0.79 25.17 29.41
CA ASP A 388 1.68 25.72 30.44
C ASP A 388 3.05 26.12 29.85
N GLN A 389 3.44 25.47 28.75
CA GLN A 389 4.70 25.77 28.07
C GLN A 389 4.48 26.20 26.62
N LYS A 390 3.44 27.00 26.40
CA LYS A 390 3.14 27.54 25.08
C LYS A 390 4.23 28.49 24.60
N ARG A 391 4.44 28.54 23.29
CA ARG A 391 5.39 29.47 22.69
C ARG A 391 4.65 30.67 22.08
N VAL A 392 5.21 31.86 22.29
CA VAL A 392 4.67 33.08 21.68
C VAL A 392 5.66 33.50 20.59
N ILE A 393 5.29 33.24 19.34
CA ILE A 393 6.19 33.39 18.20
C ILE A 393 5.69 34.49 17.27
N PRO A 394 6.59 35.40 16.86
CA PRO A 394 6.22 36.38 15.84
C PRO A 394 5.72 35.71 14.55
N ILE A 395 4.69 36.29 13.94
CA ILE A 395 4.07 35.72 12.75
C ILE A 395 5.00 35.74 11.55
N THR A 396 5.83 36.79 11.43
CA THR A 396 6.81 36.88 10.35
C THR A 396 7.82 35.73 10.42
N GLU A 397 8.23 35.37 11.64
CA GLU A 397 9.09 34.20 11.86
C GLU A 397 8.38 32.90 11.45
N VAL A 398 7.10 32.77 11.81
CA VAL A 398 6.31 31.59 11.41
C VAL A 398 6.23 31.47 9.89
N MET A 399 6.13 32.61 9.20
CA MET A 399 6.08 32.66 7.73
C MET A 399 7.47 32.56 7.06
N LYS A 400 8.54 32.79 7.83
CA LYS A 400 9.91 32.78 7.29
C LYS A 400 10.39 31.36 7.00
N VAL A 401 10.72 31.10 5.73
CA VAL A 401 11.25 29.80 5.28
C VAL A 401 12.52 30.00 4.47
N SER A 402 13.61 29.36 4.90
CA SER A 402 14.88 29.39 4.18
C SER A 402 15.46 27.99 4.04
N VAL A 412 18.81 21.91 3.04
CA VAL A 412 18.22 21.95 4.38
C VAL A 412 17.26 23.15 4.53
N VAL A 413 16.01 22.86 4.90
CA VAL A 413 14.98 23.89 5.03
C VAL A 413 14.81 24.26 6.51
N LYS A 414 14.79 25.56 6.81
CA LYS A 414 14.71 26.05 8.18
C LYS A 414 13.45 26.88 8.41
N ASN A 415 12.72 26.55 9.48
CA ASN A 415 11.51 27.27 9.86
C ASN A 415 11.18 27.00 11.33
N VAL A 416 10.76 28.04 12.06
CA VAL A 416 10.53 27.93 13.50
C VAL A 416 9.53 26.81 13.85
N ILE A 417 8.50 26.61 13.02
CA ILE A 417 7.50 25.56 13.26
C ILE A 417 8.11 24.18 13.03
N LYS A 418 8.92 24.04 11.98
CA LYS A 418 9.67 22.81 11.75
C LYS A 418 10.60 22.51 12.93
N ASP A 419 11.21 23.55 13.49
CA ASP A 419 12.05 23.42 14.68
C ASP A 419 11.24 22.93 15.88
N GLU A 420 10.00 23.42 16.02
CA GLU A 420 9.13 23.02 17.12
C GLU A 420 8.71 21.54 17.01
N LEU A 421 8.41 21.09 15.78
CA LEU A 421 8.17 19.68 15.50
C LEU A 421 9.37 18.79 15.80
N ASP A 422 10.56 19.26 15.46
CA ASP A 422 11.79 18.52 15.74
C ASP A 422 12.07 18.45 17.24
N ALA A 423 11.86 19.56 17.94
CA ALA A 423 12.08 19.61 19.40
C ALA A 423 11.06 18.74 20.12
N TYR A 424 9.82 18.77 19.62
CA TYR A 424 8.74 17.91 20.10
C TYR A 424 9.12 16.43 19.96
N LYS A 425 9.63 16.10 18.78
CA LYS A 425 10.05 14.74 18.46
C LYS A 425 11.13 14.26 19.42
N ALA A 426 12.16 15.09 19.61
CA ALA A 426 13.23 14.82 20.56
C ALA A 426 12.74 14.66 22.01
N ARG A 427 11.75 15.47 22.41
CA ARG A 427 11.19 15.34 23.77
C ARG A 427 10.48 13.99 23.93
N LEU A 428 9.78 13.55 22.89
CA LEU A 428 9.09 12.26 22.93
C LEU A 428 10.08 11.12 23.09
N LYS A 429 11.17 11.18 22.34
CA LYS A 429 12.23 10.17 22.38
C LYS A 429 12.89 10.08 23.74
N GLU A 430 13.26 11.22 24.31
CA GLU A 430 13.94 11.25 25.61
C GLU A 430 13.10 10.58 26.68
N LYS A 431 11.80 10.89 26.67
CA LYS A 431 10.87 10.39 27.68
C LYS A 431 10.59 8.89 27.50
N ALA A 432 10.38 8.47 26.25
CA ALA A 432 10.12 7.05 25.97
C ALA A 432 11.37 6.19 26.24
N PHE A 433 12.54 6.73 25.94
CA PHE A 433 13.81 6.05 26.24
C PHE A 433 14.01 5.92 27.74
N ALA A 434 13.76 7.00 28.48
CA ALA A 434 13.86 6.99 29.94
C ALA A 434 12.89 5.97 30.53
N PHE A 435 11.67 5.91 30.00
CA PHE A 435 10.72 4.89 30.43
C PHE A 435 11.27 3.48 30.22
N HIS A 436 11.76 3.18 29.03
CA HIS A 436 12.36 1.88 28.76
C HIS A 436 13.46 1.57 29.77
N ASN A 437 14.40 2.49 29.91
CA ASN A 437 15.56 2.31 30.79
C ASN A 437 15.16 2.06 32.23
N SER A 438 14.09 2.73 32.68
CA SER A 438 13.60 2.56 34.05
C SER A 438 12.90 1.21 34.26
N MET A 439 12.57 0.53 33.16
CA MET A 439 11.85 -0.74 33.22
C MET A 439 12.74 -1.93 32.87
N VAL A 440 14.05 -1.73 32.95
CA VAL A 440 15.03 -2.82 32.93
C VAL A 440 15.70 -2.87 34.30
N THR A 441 15.51 -3.97 35.02
CA THR A 441 16.01 -4.09 36.38
C THR A 441 16.96 -5.27 36.48
N ASN A 442 18.15 -4.99 36.98
CA ASN A 442 19.16 -6.00 37.20
C ASN A 442 18.92 -6.75 38.51
N CYS A 443 18.98 -8.07 38.42
CA CYS A 443 18.70 -8.96 39.55
C CYS A 443 19.84 -9.93 39.74
N LYS A 444 20.18 -10.23 40.99
CA LYS A 444 21.26 -11.18 41.28
C LYS A 444 20.74 -12.48 41.92
N SER A 445 19.42 -12.65 41.96
CA SER A 445 18.82 -13.85 42.56
C SER A 445 17.41 -14.10 42.03
N PHE A 446 16.95 -15.33 42.20
CA PHE A 446 15.59 -15.73 41.87
C PHE A 446 14.55 -14.82 42.57
N ASP A 447 14.76 -14.54 43.85
CA ASP A 447 13.85 -13.69 44.64
C ASP A 447 13.75 -12.26 44.08
N GLU A 448 14.89 -11.66 43.76
CA GLU A 448 14.88 -10.31 43.15
C GLU A 448 14.14 -10.26 41.81
N ILE A 449 14.25 -11.34 41.01
CA ILE A 449 13.55 -11.41 39.73
C ILE A 449 12.04 -11.44 39.97
N VAL A 450 11.60 -12.34 40.83
CA VAL A 450 10.19 -12.48 41.19
C VAL A 450 9.66 -11.16 41.75
N ALA A 451 10.43 -10.55 42.65
CA ALA A 451 10.01 -9.31 43.31
C ALA A 451 9.91 -8.16 42.32
N CYS A 452 10.86 -8.10 41.38
CA CYS A 452 10.81 -7.13 40.31
C CYS A 452 9.57 -7.34 39.43
N ILE A 453 9.35 -8.58 39.00
CA ILE A 453 8.22 -8.90 38.13
C ILE A 453 6.88 -8.61 38.82
N GLU A 454 6.76 -8.98 40.09
CA GLU A 454 5.50 -8.85 40.84
C GLU A 454 5.16 -7.43 41.26
N ASN A 455 6.16 -6.56 41.43
CA ASN A 455 5.93 -5.22 41.96
C ASN A 455 6.18 -4.09 40.96
N LYS A 456 7.27 -4.20 40.19
CA LYS A 456 7.67 -3.17 39.25
C LYS A 456 7.19 -3.46 37.83
N GLY A 457 7.31 -4.73 37.42
CA GLY A 457 7.07 -5.09 36.02
C GLY A 457 8.25 -4.76 35.14
N GLY A 458 8.03 -4.79 33.84
CA GLY A 458 9.08 -4.59 32.87
C GLY A 458 9.97 -5.81 32.75
N LEU A 459 11.25 -5.56 32.50
CA LEU A 459 12.23 -6.58 32.18
C LEU A 459 13.19 -6.78 33.35
N ALA A 460 13.35 -8.03 33.77
CA ALA A 460 14.31 -8.42 34.80
C ALA A 460 15.51 -9.05 34.11
N ARG A 461 16.68 -8.43 34.27
CA ARG A 461 17.90 -8.88 33.61
C ARG A 461 18.78 -9.57 34.63
N PHE A 462 19.25 -10.78 34.31
CA PHE A 462 20.10 -11.51 35.25
C PHE A 462 21.17 -12.34 34.56
N PRO A 463 22.40 -12.38 35.13
CA PRO A 463 23.41 -13.29 34.58
C PRO A 463 22.94 -14.74 34.71
N PHE A 464 23.26 -15.56 33.71
CA PHE A 464 22.70 -16.91 33.61
C PHE A 464 23.73 -17.83 32.96
N TYR A 465 23.72 -19.10 33.37
CA TYR A 465 24.83 -20.03 33.06
C TYR A 465 24.78 -20.68 31.68
N THR A 466 23.66 -20.57 30.97
CA THR A 466 23.55 -21.20 29.64
C THR A 466 22.57 -20.46 28.72
N THR A 467 22.84 -20.51 27.42
CA THR A 467 21.94 -20.05 26.37
C THR A 467 21.20 -21.23 25.71
N GLU A 468 21.42 -22.44 26.22
CA GLU A 468 20.99 -23.67 25.56
C GLU A 468 19.74 -24.25 26.23
N ALA A 469 19.30 -25.41 25.77
CA ALA A 469 17.97 -25.94 26.10
C ALA A 469 17.73 -26.25 27.57
N ASP A 470 18.78 -26.57 28.33
CA ASP A 470 18.63 -26.86 29.78
C ASP A 470 18.12 -25.66 30.57
N GLY A 471 18.32 -24.45 30.06
CA GLY A 471 17.82 -23.24 30.70
C GLY A 471 16.31 -23.20 30.88
N GLU A 472 15.57 -23.98 30.10
CA GLU A 472 14.11 -24.02 30.20
C GLU A 472 13.59 -24.52 31.57
N VAL A 473 14.43 -25.26 32.31
CA VAL A 473 14.06 -25.68 33.66
C VAL A 473 13.82 -24.44 34.53
N TRP A 474 14.67 -23.42 34.38
CA TRP A 474 14.52 -22.19 35.15
C TRP A 474 13.37 -21.32 34.63
N ASP A 475 13.12 -21.38 33.33
CA ASP A 475 11.94 -20.74 32.73
C ASP A 475 10.65 -21.25 33.38
N LYS A 476 10.54 -22.57 33.50
CA LYS A 476 9.39 -23.20 34.13
C LYS A 476 9.22 -22.77 35.60
N LYS A 477 10.33 -22.74 36.34
CA LYS A 477 10.30 -22.32 37.73
C LYS A 477 9.85 -20.86 37.85
N LEU A 478 10.33 -20.00 36.95
CA LEU A 478 9.94 -18.59 36.96
C LEU A 478 8.48 -18.37 36.59
N LYS A 479 7.97 -19.14 35.63
CA LYS A 479 6.56 -19.04 35.25
C LYS A 479 5.64 -19.49 36.40
N ASP A 480 6.03 -20.56 37.09
CA ASP A 480 5.27 -21.04 38.25
C ASP A 480 5.24 -20.02 39.40
N ALA A 481 6.35 -19.32 39.62
CA ALA A 481 6.45 -18.36 40.71
C ALA A 481 5.65 -17.08 40.46
N CYS A 482 5.76 -16.52 39.26
CA CYS A 482 5.22 -15.18 38.98
C CYS A 482 4.68 -14.97 37.57
N SER A 483 4.44 -16.05 36.82
CA SER A 483 3.94 -15.98 35.44
C SER A 483 4.83 -15.20 34.46
N ALA A 484 6.12 -15.11 34.75
CA ALA A 484 7.07 -14.49 33.85
C ALA A 484 7.87 -15.57 33.13
N GLU A 485 8.29 -15.27 31.91
CA GLU A 485 9.09 -16.18 31.11
C GLU A 485 10.40 -15.55 30.72
N ILE A 486 11.41 -16.40 30.51
CA ILE A 486 12.70 -15.95 30.03
C ILE A 486 12.53 -15.59 28.57
N ARG A 487 12.81 -14.34 28.21
CA ARG A 487 12.62 -13.87 26.84
C ARG A 487 13.83 -14.19 25.99
N GLY A 488 15.01 -13.98 26.56
CA GLY A 488 16.26 -14.23 25.85
C GLY A 488 17.39 -13.38 26.35
N HIS A 489 18.45 -13.31 25.55
CA HIS A 489 19.64 -12.57 25.88
C HIS A 489 20.11 -11.81 24.65
N ASN A 490 20.79 -10.70 24.88
CA ASN A 490 21.46 -10.00 23.81
C ASN A 490 22.93 -10.43 23.73
N PRO A 491 23.31 -11.19 22.66
CA PRO A 491 24.71 -11.62 22.45
C PRO A 491 25.78 -10.50 22.39
N ASP A 492 25.36 -9.27 22.12
CA ASP A 492 26.28 -8.14 22.07
C ASP A 492 26.79 -7.72 23.46
N GLU A 493 26.07 -8.11 24.52
CA GLU A 493 26.44 -7.71 25.87
C GLU A 493 27.64 -8.52 26.34
N ASN A 494 28.66 -7.81 26.84
CA ASN A 494 29.85 -8.46 27.36
C ASN A 494 29.58 -8.96 28.76
N VAL A 495 30.02 -10.18 29.06
CA VAL A 495 29.92 -10.74 30.40
C VAL A 495 31.09 -10.22 31.21
N LEU A 496 30.79 -9.63 32.36
CA LEU A 496 31.83 -9.14 33.26
C LEU A 496 32.71 -10.30 33.70
N PRO A 497 34.03 -10.07 33.80
CA PRO A 497 34.91 -11.14 34.27
C PRO A 497 34.50 -11.64 35.65
N GLY A 498 34.41 -12.96 35.80
CA GLY A 498 34.08 -13.58 37.09
C GLY A 498 32.60 -13.59 37.42
N GLU A 499 31.76 -13.13 36.50
CA GLU A 499 30.31 -13.05 36.72
C GLU A 499 29.72 -14.45 36.93
N VAL A 500 28.85 -14.58 37.92
CA VAL A 500 28.19 -15.85 38.19
C VAL A 500 26.71 -15.78 37.87
N CYS A 501 26.16 -16.93 37.48
CA CYS A 501 24.75 -17.08 37.21
C CYS A 501 23.94 -16.80 38.47
N ALA A 502 22.97 -15.90 38.36
CA ALA A 502 22.11 -15.50 39.48
C ALA A 502 21.29 -16.66 40.06
N LEU A 503 21.06 -17.70 39.26
CA LEU A 503 20.21 -18.82 39.67
C LEU A 503 20.98 -20.08 40.09
N SER A 504 22.10 -20.37 39.41
CA SER A 504 22.85 -21.61 39.61
C SER A 504 24.18 -21.44 40.33
N GLY A 505 24.78 -20.25 40.26
CA GLY A 505 26.10 -20.01 40.85
C GLY A 505 27.26 -20.39 39.93
N LYS A 506 26.94 -21.04 38.80
CA LYS A 506 27.96 -21.38 37.80
C LYS A 506 28.42 -20.09 37.10
N PRO A 507 29.55 -20.16 36.37
CA PRO A 507 29.94 -18.98 35.61
C PRO A 507 28.84 -18.56 34.65
N ALA A 508 28.57 -17.26 34.56
CA ALA A 508 27.59 -16.72 33.62
C ALA A 508 28.20 -16.70 32.21
N VAL A 509 27.41 -17.08 31.20
CA VAL A 509 27.80 -16.94 29.80
C VAL A 509 26.94 -15.90 29.04
N CYS A 510 25.92 -15.37 29.72
CA CYS A 510 25.00 -14.38 29.14
C CYS A 510 24.23 -13.70 30.25
N TYR A 511 23.47 -12.66 29.90
CA TYR A 511 22.48 -12.05 30.77
C TYR A 511 21.11 -12.29 30.15
N MET A 512 20.28 -13.06 30.82
CA MET A 512 18.92 -13.30 30.35
C MET A 512 18.00 -12.17 30.77
N TYR A 513 16.94 -11.98 30.01
CA TYR A 513 15.87 -11.05 30.32
C TYR A 513 14.59 -11.82 30.48
N CYS A 514 13.88 -11.54 31.58
CA CYS A 514 12.66 -12.22 31.95
C CYS A 514 11.56 -11.17 32.05
N ALA A 515 10.35 -11.48 31.60
CA ALA A 515 9.22 -10.55 31.69
C ALA A 515 7.88 -11.24 31.53
N LYS A 516 6.82 -10.58 31.97
CA LYS A 516 5.46 -11.00 31.61
C LYS A 516 5.20 -10.53 30.19
N SER A 517 4.53 -11.38 29.41
CA SER A 517 4.28 -11.12 27.99
C SER A 517 2.83 -10.75 27.71
N TYR A 518 2.62 -10.02 26.62
CA TYR A 518 1.31 -9.94 25.97
C TYR A 518 1.07 -11.24 25.22
N THR B 14 14.21 -15.70 -26.32
CA THR B 14 14.52 -14.32 -26.80
C THR B 14 13.27 -13.65 -27.39
N PHE B 15 12.84 -12.56 -26.77
CA PHE B 15 11.56 -11.91 -27.12
C PHE B 15 11.69 -11.01 -28.36
N SER B 16 10.94 -11.36 -29.39
CA SER B 16 10.90 -10.55 -30.61
C SER B 16 9.64 -10.90 -31.41
N LEU B 17 8.58 -10.14 -31.19
CA LEU B 17 7.27 -10.44 -31.75
C LEU B 17 6.48 -9.16 -31.99
N THR B 18 6.17 -8.89 -33.25
CA THR B 18 5.43 -7.69 -33.62
C THR B 18 4.03 -7.83 -33.01
N LYS B 19 3.55 -6.74 -32.41
CA LYS B 19 2.32 -6.77 -31.63
C LYS B 19 1.16 -6.33 -32.51
N THR B 20 0.34 -7.30 -32.90
CA THR B 20 -0.82 -7.06 -33.77
C THR B 20 -2.08 -7.74 -33.23
N ARG B 21 -3.19 -7.54 -33.93
CA ARG B 21 -4.45 -8.17 -33.63
C ARG B 21 -4.32 -9.69 -33.54
N ASP B 22 -3.64 -10.28 -34.53
CA ASP B 22 -3.47 -11.74 -34.57
C ASP B 22 -2.51 -12.28 -33.50
N THR B 23 -1.50 -11.48 -33.11
CA THR B 23 -0.43 -11.95 -32.20
C THR B 23 -0.58 -11.53 -30.74
N PHE B 24 -1.46 -10.56 -30.45
CA PHE B 24 -1.49 -9.94 -29.13
C PHE B 24 -1.55 -10.91 -27.95
N ALA B 25 -2.46 -11.87 -28.01
CA ALA B 25 -2.64 -12.87 -26.95
C ALA B 25 -1.34 -13.59 -26.61
N ASP B 26 -0.59 -14.00 -27.64
CA ASP B 26 0.73 -14.61 -27.45
C ASP B 26 1.80 -13.61 -27.00
N TRP B 27 1.73 -12.40 -27.53
CA TRP B 27 2.63 -11.32 -27.14
C TRP B 27 2.51 -11.04 -25.65
N PHE B 28 1.27 -10.93 -25.19
CA PHE B 28 0.98 -10.61 -23.79
C PHE B 28 1.53 -11.67 -22.84
N ASP B 29 1.21 -12.95 -23.10
CA ASP B 29 1.71 -14.04 -22.27
C ASP B 29 3.22 -14.10 -22.23
N ALA B 30 3.87 -13.95 -23.38
CA ALA B 30 5.33 -14.00 -23.44
C ALA B 30 5.97 -12.80 -22.71
N ILE B 31 5.45 -11.59 -22.93
CA ILE B 31 6.00 -10.42 -22.24
C ILE B 31 5.83 -10.51 -20.72
N MET B 32 4.70 -11.09 -20.24
CA MET B 32 4.48 -11.27 -18.79
C MET B 32 5.64 -12.04 -18.17
N ASP B 33 6.06 -13.10 -18.87
CA ASP B 33 7.16 -13.93 -18.40
C ASP B 33 8.54 -13.32 -18.66
N ALA B 34 8.81 -12.94 -19.90
CA ALA B 34 10.13 -12.45 -20.31
C ALA B 34 10.56 -11.20 -19.54
N ALA B 35 9.62 -10.30 -19.26
CA ALA B 35 9.92 -9.10 -18.48
C ALA B 35 9.81 -9.36 -16.95
N GLU B 36 9.49 -10.59 -16.57
CA GLU B 36 9.37 -11.02 -15.18
C GLU B 36 8.39 -10.15 -14.38
N LEU B 37 7.20 -9.97 -14.95
CA LEU B 37 6.17 -9.12 -14.36
C LEU B 37 5.36 -9.91 -13.34
N VAL B 38 4.95 -11.11 -13.75
CA VAL B 38 4.15 -12.00 -12.93
C VAL B 38 4.70 -13.42 -13.05
N ASP B 39 4.27 -14.28 -12.13
CA ASP B 39 4.53 -15.69 -12.27
C ASP B 39 3.23 -16.48 -12.08
N ARG B 40 2.80 -17.13 -13.16
CA ARG B 40 1.55 -17.90 -13.21
CA ARG B 40 1.54 -17.88 -13.19
C ARG B 40 1.70 -19.30 -12.64
N ARG B 41 2.93 -19.71 -12.33
CA ARG B 41 3.22 -21.07 -11.86
C ARG B 41 2.87 -21.33 -10.38
N TYR B 42 2.29 -20.35 -9.71
CA TYR B 42 1.73 -20.57 -8.38
C TYR B 42 0.57 -21.56 -8.53
N PRO B 43 0.58 -22.66 -7.77
CA PRO B 43 -0.39 -23.75 -7.95
C PRO B 43 -1.81 -23.48 -7.44
N VAL B 44 -2.29 -22.25 -7.55
CA VAL B 44 -3.72 -21.99 -7.36
C VAL B 44 -4.18 -21.24 -8.59
N LYS B 45 -5.07 -21.86 -9.36
CA LYS B 45 -5.56 -21.32 -10.62
C LYS B 45 -6.04 -19.88 -10.45
N GLY B 46 -5.56 -19.00 -11.32
CA GLY B 46 -5.93 -17.59 -11.31
C GLY B 46 -5.36 -16.76 -10.17
N CYS B 47 -4.42 -17.32 -9.41
CA CYS B 47 -3.73 -16.57 -8.36
C CYS B 47 -2.27 -16.46 -8.76
N VAL B 48 -1.88 -15.28 -9.26
CA VAL B 48 -0.56 -15.12 -9.84
C VAL B 48 0.32 -14.29 -8.92
N VAL B 49 1.60 -14.67 -8.84
CA VAL B 49 2.57 -13.89 -8.10
C VAL B 49 2.90 -12.62 -8.88
N PHE B 50 2.83 -11.48 -8.20
CA PHE B 50 3.38 -10.23 -8.73
C PHE B 50 4.87 -10.20 -8.39
N ARG B 51 5.73 -10.37 -9.41
CA ARG B 51 7.18 -10.25 -9.21
C ARG B 51 7.59 -8.76 -9.14
N PRO B 52 8.79 -8.46 -8.62
CA PRO B 52 9.20 -7.08 -8.32
C PRO B 52 8.98 -6.04 -9.41
N TYR B 53 9.45 -6.34 -10.63
CA TYR B 53 9.38 -5.38 -11.72
C TYR B 53 7.92 -5.05 -12.05
N GLY B 54 7.07 -6.07 -12.07
CA GLY B 54 5.63 -5.88 -12.25
C GLY B 54 4.93 -5.21 -11.07
N PHE B 55 5.24 -5.64 -9.84
CA PHE B 55 4.53 -5.04 -8.70
C PHE B 55 4.82 -3.54 -8.53
N PHE B 56 6.02 -3.10 -8.90
CA PHE B 56 6.33 -1.66 -8.84
C PHE B 56 5.33 -0.83 -9.66
N MET B 57 4.92 -1.35 -10.81
CA MET B 57 4.00 -0.66 -11.71
C MET B 57 2.60 -0.57 -11.10
N GLU B 58 2.14 -1.69 -10.55
CA GLU B 58 0.82 -1.79 -9.93
C GLU B 58 0.73 -0.87 -8.72
N ASN B 59 1.76 -0.93 -7.90
CA ASN B 59 1.82 -0.09 -6.70
C ASN B 59 1.84 1.39 -7.06
N ALA B 60 2.54 1.72 -8.14
CA ALA B 60 2.61 3.12 -8.60
C ALA B 60 1.25 3.60 -9.07
N ILE B 61 0.52 2.77 -9.79
CA ILE B 61 -0.80 3.13 -10.26
C ILE B 61 -1.75 3.36 -9.08
N MET B 62 -1.75 2.43 -8.13
CA MET B 62 -2.65 2.52 -6.96
C MET B 62 -2.25 3.64 -6.01
N ARG B 63 -0.95 3.87 -5.84
CA ARG B 63 -0.49 5.03 -5.05
C ARG B 63 -1.00 6.34 -5.66
N LEU B 64 -0.94 6.45 -6.98
CA LEU B 64 -1.46 7.64 -7.67
C LEU B 64 -2.96 7.81 -7.42
N CYS B 65 -3.70 6.72 -7.54
CA CYS B 65 -5.13 6.74 -7.24
C CYS B 65 -5.39 7.22 -5.81
N GLU B 66 -4.64 6.66 -4.87
CA GLU B 66 -4.78 7.01 -3.48
C GLU B 66 -4.53 8.50 -3.27
N GLU B 67 -3.42 8.98 -3.82
CA GLU B 67 -3.03 10.39 -3.77
C GLU B 67 -4.09 11.34 -4.34
N GLU B 68 -4.65 10.97 -5.49
CA GLU B 68 -5.67 11.79 -6.18
C GLU B 68 -7.02 11.76 -5.44
N TYR B 69 -7.36 10.60 -4.90
CA TYR B 69 -8.55 10.48 -4.05
C TYR B 69 -8.41 11.37 -2.80
N ALA B 70 -7.24 11.36 -2.18
CA ALA B 70 -6.98 12.22 -1.01
C ALA B 70 -7.23 13.70 -1.32
N LYS B 71 -6.83 14.15 -2.51
CA LYS B 71 -7.00 15.57 -2.88
C LYS B 71 -8.46 15.97 -3.04
N VAL B 72 -9.33 15.02 -3.38
CA VAL B 72 -10.76 15.32 -3.51
C VAL B 72 -11.55 14.80 -2.29
N GLY B 73 -10.87 14.67 -1.15
CA GLY B 73 -11.52 14.39 0.15
C GLY B 73 -12.04 12.96 0.35
N ILE B 74 -11.44 11.98 -0.33
CA ILE B 74 -11.80 10.59 -0.09
C ILE B 74 -10.66 9.95 0.71
N SER B 75 -10.98 9.44 1.90
CA SER B 75 -9.95 9.04 2.86
C SER B 75 -9.67 7.54 2.76
N GLN B 76 -8.41 7.18 2.86
CA GLN B 76 -8.02 5.79 2.73
C GLN B 76 -8.31 5.06 4.03
N ILE B 77 -8.81 3.85 3.91
CA ILE B 77 -9.08 2.98 5.04
C ILE B 77 -8.71 1.55 4.66
N LEU B 78 -8.88 0.63 5.60
CA LEU B 78 -8.80 -0.79 5.28
C LEU B 78 -9.78 -1.63 6.09
N PHE B 79 -10.58 -2.42 5.38
CA PHE B 79 -11.51 -3.37 5.95
C PHE B 79 -10.86 -4.75 5.97
N PRO B 80 -11.35 -5.65 6.85
CA PRO B 80 -10.98 -7.06 6.81
C PRO B 80 -11.34 -7.74 5.50
N THR B 81 -10.62 -8.82 5.20
CA THR B 81 -10.83 -9.59 3.98
C THR B 81 -12.08 -10.44 4.07
N VAL B 82 -12.43 -10.83 5.29
CA VAL B 82 -13.52 -11.78 5.51
C VAL B 82 -14.82 -11.04 5.76
N ILE B 83 -15.89 -11.51 5.11
CA ILE B 83 -17.22 -10.95 5.27
C ILE B 83 -18.13 -12.04 5.81
N PRO B 84 -18.82 -11.78 6.94
CA PRO B 84 -19.71 -12.81 7.48
C PRO B 84 -20.89 -13.08 6.55
N GLU B 85 -21.32 -14.33 6.47
CA GLU B 85 -22.39 -14.74 5.54
C GLU B 85 -23.67 -13.90 5.66
N SER B 86 -24.05 -13.53 6.88
CA SER B 86 -25.26 -12.74 7.10
C SER B 86 -25.19 -11.33 6.49
N PHE B 87 -24.00 -10.72 6.47
CA PHE B 87 -23.79 -9.46 5.77
C PHE B 87 -24.02 -9.61 4.27
N LEU B 88 -23.34 -10.60 3.70
CA LEU B 88 -23.25 -10.78 2.25
C LEU B 88 -24.59 -11.11 1.61
N LYS B 89 -25.48 -11.76 2.37
CA LYS B 89 -26.79 -12.18 1.87
C LYS B 89 -27.92 -11.13 2.03
N LYS B 90 -27.64 -10.01 2.68
CA LYS B 90 -28.66 -8.98 2.94
C LYS B 90 -29.33 -8.45 1.66
N GLU B 91 -28.52 -8.05 0.66
CA GLU B 91 -29.07 -7.43 -0.57
C GLU B 91 -29.21 -8.49 -1.65
N SER B 92 -30.44 -8.70 -2.09
CA SER B 92 -30.80 -9.81 -2.99
C SER B 92 -30.09 -9.76 -4.36
N ASP B 93 -30.30 -8.67 -5.09
CA ASP B 93 -29.73 -8.56 -6.44
C ASP B 93 -28.19 -8.54 -6.42
N HIS B 94 -27.60 -7.98 -5.37
CA HIS B 94 -26.14 -7.99 -5.22
C HIS B 94 -25.59 -9.39 -4.98
N ILE B 95 -26.23 -10.17 -4.10
CA ILE B 95 -25.75 -11.52 -3.77
C ILE B 95 -25.95 -12.51 -4.93
N LYS B 96 -27.07 -12.44 -5.64
CA LYS B 96 -27.27 -13.29 -6.81
C LYS B 96 -26.22 -13.04 -7.89
N GLY B 97 -25.76 -11.80 -7.98
CA GLY B 97 -24.71 -11.42 -8.91
C GLY B 97 -23.34 -12.01 -8.56
N PHE B 98 -23.12 -12.27 -7.27
CA PHE B 98 -21.78 -12.65 -6.79
C PHE B 98 -21.65 -14.01 -6.09
N GLU B 99 -22.76 -14.62 -5.68
CA GLU B 99 -22.71 -15.81 -4.81
C GLU B 99 -21.88 -16.97 -5.38
N ALA B 100 -21.83 -17.08 -6.71
CA ALA B 100 -21.04 -18.11 -7.37
C ALA B 100 -19.54 -17.75 -7.35
N GLU B 101 -19.25 -16.47 -7.16
CA GLU B 101 -17.88 -15.96 -7.12
C GLU B 101 -17.21 -16.06 -5.75
N CYS B 102 -17.96 -16.44 -4.71
CA CYS B 102 -17.46 -16.39 -3.33
C CYS B 102 -16.67 -17.62 -2.89
N PHE B 103 -15.44 -17.42 -2.45
CA PHE B 103 -14.69 -18.42 -1.70
C PHE B 103 -15.24 -18.41 -0.28
N TRP B 104 -15.48 -19.58 0.31
CA TRP B 104 -16.00 -19.64 1.68
C TRP B 104 -15.00 -20.26 2.64
N VAL B 105 -14.74 -19.54 3.74
CA VAL B 105 -13.98 -20.06 4.86
C VAL B 105 -14.98 -20.69 5.81
N GLU B 106 -14.77 -21.96 6.14
CA GLU B 106 -15.71 -22.72 6.96
C GLU B 106 -15.11 -23.31 8.22
N LYS B 107 -13.79 -23.40 8.29
CA LYS B 107 -13.12 -23.89 9.49
C LYS B 107 -12.00 -22.95 9.93
N GLY B 108 -11.75 -22.93 11.23
CA GLY B 108 -10.59 -22.29 11.81
C GLY B 108 -9.85 -23.35 12.61
N GLY B 109 -8.71 -23.79 12.11
CA GLY B 109 -8.02 -24.95 12.69
C GLY B 109 -8.78 -26.20 12.31
N LEU B 110 -9.00 -27.08 13.29
CA LEU B 110 -9.79 -28.30 13.06
C LEU B 110 -11.29 -28.12 13.29
N GLN B 111 -11.69 -26.97 13.85
CA GLN B 111 -13.08 -26.76 14.27
C GLN B 111 -13.86 -25.87 13.29
N PRO B 112 -15.14 -26.20 13.02
CA PRO B 112 -15.98 -25.37 12.15
C PRO B 112 -16.35 -24.03 12.76
N LEU B 113 -16.30 -22.96 11.96
CA LEU B 113 -16.73 -21.64 12.43
C LEU B 113 -18.24 -21.65 12.63
N GLU B 114 -18.73 -20.91 13.62
CA GLU B 114 -20.16 -20.82 13.89
C GLU B 114 -20.88 -20.01 12.81
N GLU B 115 -20.19 -19.02 12.26
CA GLU B 115 -20.68 -18.33 11.07
C GLU B 115 -19.64 -18.42 9.95
N ARG B 116 -20.07 -18.79 8.75
CA ARG B 116 -19.18 -18.91 7.61
C ARG B 116 -18.71 -17.53 7.18
N LEU B 117 -17.48 -17.44 6.67
CA LEU B 117 -16.91 -16.17 6.23
C LEU B 117 -16.57 -16.23 4.76
N ALA B 118 -17.08 -15.26 3.99
CA ALA B 118 -16.73 -15.15 2.59
C ALA B 118 -15.50 -14.28 2.42
N LEU B 119 -14.59 -14.68 1.54
CA LEU B 119 -13.53 -13.79 1.12
C LEU B 119 -14.20 -12.75 0.21
N ARG B 120 -13.96 -11.46 0.49
CA ARG B 120 -14.61 -10.38 -0.24
C ARG B 120 -14.47 -10.48 -1.77
N PRO B 121 -15.60 -10.58 -2.49
CA PRO B 121 -15.56 -10.41 -3.95
C PRO B 121 -15.61 -8.94 -4.35
N THR B 122 -16.10 -8.12 -3.44
CA THR B 122 -16.23 -6.68 -3.57
C THR B 122 -16.84 -6.35 -2.21
N SER B 123 -16.68 -5.12 -1.73
CA SER B 123 -16.88 -4.87 -0.31
C SER B 123 -18.16 -4.12 0.11
N GLU B 124 -19.09 -3.89 -0.81
CA GLU B 124 -20.33 -3.17 -0.49
C GLU B 124 -20.99 -3.65 0.81
N THR B 125 -21.22 -4.95 0.92
CA THR B 125 -22.03 -5.47 2.03
C THR B 125 -21.36 -5.22 3.38
N ALA B 126 -20.04 -5.33 3.41
CA ALA B 126 -19.24 -5.11 4.62
C ALA B 126 -19.16 -3.62 4.95
N ILE B 127 -18.87 -2.80 3.94
CA ILE B 127 -18.70 -1.38 4.16
C ILE B 127 -20.01 -0.68 4.55
N TYR B 128 -21.12 -1.03 3.89
CA TYR B 128 -22.39 -0.37 4.16
C TYR B 128 -23.00 -0.82 5.51
N SER B 129 -22.68 -2.04 5.95
CA SER B 129 -23.01 -2.46 7.32
C SER B 129 -22.32 -1.53 8.33
N MET B 130 -21.09 -1.10 8.03
CA MET B 130 -20.41 -0.13 8.90
C MET B 130 -20.90 1.31 8.69
N PHE B 131 -21.21 1.70 7.46
CA PHE B 131 -21.84 3.03 7.23
C PHE B 131 -23.09 3.23 8.08
N SER B 132 -23.84 2.16 8.27
CA SER B 132 -25.05 2.17 9.10
C SER B 132 -24.76 2.65 10.53
N LYS B 133 -23.58 2.32 11.03
CA LYS B 133 -23.14 2.76 12.35
C LYS B 133 -22.51 4.16 12.32
N TRP B 134 -21.72 4.45 11.29
CA TRP B 134 -21.02 5.74 11.20
C TRP B 134 -21.91 6.92 10.80
N VAL B 135 -23.03 6.64 10.15
CA VAL B 135 -23.92 7.67 9.62
C VAL B 135 -25.19 7.72 10.47
N ARG B 136 -25.32 8.78 11.27
CA ARG B 136 -26.52 9.00 12.09
C ARG B 136 -27.14 10.39 11.86
N SER B 137 -26.32 11.35 11.45
CA SER B 137 -26.75 12.73 11.25
C SER B 137 -26.25 13.26 9.90
N TYR B 138 -26.90 14.32 9.40
CA TYR B 138 -26.40 15.05 8.24
C TYR B 138 -24.99 15.59 8.48
N LYS B 139 -24.62 15.73 9.76
CA LYS B 139 -23.28 16.19 10.16
C LYS B 139 -22.18 15.23 9.76
N ASP B 140 -22.53 13.94 9.62
CA ASP B 140 -21.59 12.88 9.29
C ASP B 140 -21.36 12.74 7.79
N LEU B 141 -22.10 13.50 6.98
CA LEU B 141 -22.03 13.37 5.52
C LEU B 141 -21.41 14.63 4.90
N PRO B 142 -20.72 14.49 3.76
CA PRO B 142 -20.42 13.25 3.05
C PRO B 142 -19.40 12.38 3.78
N LEU B 143 -19.50 11.08 3.54
CA LEU B 143 -18.58 10.11 4.12
C LEU B 143 -17.98 9.41 2.91
N LYS B 144 -16.69 9.65 2.67
CA LYS B 144 -16.00 9.22 1.46
C LYS B 144 -14.75 8.44 1.82
N ILE B 145 -14.72 7.16 1.46
CA ILE B 145 -13.56 6.33 1.75
C ILE B 145 -13.12 5.53 0.54
N HIS B 146 -11.94 4.92 0.65
CA HIS B 146 -11.47 4.00 -0.37
C HIS B 146 -10.42 3.10 0.25
N GLN B 147 -10.19 1.94 -0.37
CA GLN B 147 -9.16 1.03 0.07
C GLN B 147 -8.50 0.33 -1.11
N THR B 148 -7.20 0.07 -0.96
CA THR B 148 -6.41 -0.65 -1.93
C THR B 148 -6.19 -1.99 -1.29
N CYS B 149 -6.59 -3.06 -1.97
CA CYS B 149 -6.56 -4.40 -1.39
C CYS B 149 -6.77 -5.40 -2.50
N THR B 150 -6.91 -6.66 -2.13
CA THR B 150 -7.28 -7.69 -3.10
C THR B 150 -8.70 -8.16 -2.80
N ILE B 151 -9.41 -8.54 -3.86
CA ILE B 151 -10.71 -9.18 -3.78
C ILE B 151 -10.59 -10.56 -4.42
N PHE B 152 -11.63 -11.38 -4.28
CA PHE B 152 -11.57 -12.80 -4.66
C PHE B 152 -12.80 -13.23 -5.47
N ARG B 153 -12.56 -13.82 -6.65
CA ARG B 153 -13.64 -14.27 -7.54
C ARG B 153 -13.38 -15.71 -7.99
N HIS B 154 -14.14 -16.65 -7.43
CA HIS B 154 -13.94 -18.07 -7.71
C HIS B 154 -14.27 -18.51 -9.13
N GLU B 155 -15.35 -18.00 -9.71
CA GLU B 155 -15.86 -18.55 -10.97
C GLU B 155 -15.07 -18.08 -12.19
N THR B 156 -14.16 -17.13 -12.00
CA THR B 156 -13.34 -16.66 -13.10
C THR B 156 -12.68 -17.82 -13.83
N LYS B 157 -12.94 -17.87 -15.13
CA LYS B 157 -12.56 -18.98 -16.00
C LYS B 157 -11.55 -18.45 -17.00
N ASN B 158 -10.78 -19.36 -17.62
CA ASN B 158 -9.73 -18.96 -18.55
C ASN B 158 -8.95 -17.76 -18.04
N THR B 159 -8.12 -18.01 -17.03
CA THR B 159 -7.41 -16.94 -16.35
C THR B 159 -6.27 -16.38 -17.22
N LYS B 160 -6.08 -15.07 -17.14
CA LYS B 160 -5.00 -14.38 -17.82
C LYS B 160 -4.48 -13.33 -16.84
N PRO B 161 -3.17 -13.31 -16.58
CA PRO B 161 -2.60 -12.34 -15.64
C PRO B 161 -3.09 -10.91 -15.87
N LEU B 162 -3.44 -10.23 -14.77
CA LEU B 162 -3.87 -8.83 -14.77
C LEU B 162 -5.29 -8.61 -15.31
N ILE B 163 -5.72 -9.42 -16.27
CA ILE B 163 -6.96 -9.20 -17.02
C ILE B 163 -8.12 -10.01 -16.44
N ARG B 164 -7.89 -11.28 -16.15
CA ARG B 164 -8.92 -12.17 -15.57
C ARG B 164 -8.26 -13.11 -14.58
N VAL B 165 -8.28 -12.73 -13.30
CA VAL B 165 -7.65 -13.52 -12.25
C VAL B 165 -8.65 -13.81 -11.13
N ARG B 166 -8.31 -14.75 -10.27
CA ARG B 166 -9.21 -15.15 -9.18
C ARG B 166 -8.92 -14.40 -7.88
N GLU B 167 -7.67 -13.94 -7.70
CA GLU B 167 -7.36 -12.91 -6.70
C GLU B 167 -6.93 -11.65 -7.43
N ILE B 168 -7.66 -10.56 -7.19
CA ILE B 168 -7.54 -9.36 -7.96
C ILE B 168 -7.10 -8.19 -7.08
N HIS B 169 -5.93 -7.62 -7.38
CA HIS B 169 -5.47 -6.43 -6.68
C HIS B 169 -6.23 -5.24 -7.26
N TRP B 170 -6.76 -4.40 -6.38
CA TRP B 170 -7.59 -3.29 -6.85
C TRP B 170 -7.69 -2.16 -5.84
N ASN B 171 -8.34 -1.08 -6.25
CA ASN B 171 -8.80 -0.05 -5.34
C ASN B 171 -10.29 0.16 -5.53
N GLU B 172 -11.02 0.21 -4.41
CA GLU B 172 -12.45 0.50 -4.41
C GLU B 172 -12.76 1.69 -3.50
N ALA B 173 -13.45 2.67 -4.06
CA ALA B 173 -13.93 3.86 -3.36
C ALA B 173 -15.43 3.71 -3.13
N HIS B 174 -15.92 4.12 -1.96
CA HIS B 174 -17.33 4.06 -1.60
C HIS B 174 -17.69 5.36 -0.86
N CYS B 175 -18.71 6.07 -1.34
CA CYS B 175 -19.12 7.33 -0.73
C CYS B 175 -20.59 7.34 -0.42
N CYS B 176 -20.92 7.99 0.69
CA CYS B 176 -22.27 8.12 1.18
C CYS B 176 -22.65 9.60 1.11
N HIS B 177 -23.80 9.89 0.51
CA HIS B 177 -24.18 11.24 0.12
C HIS B 177 -25.55 11.63 0.67
N ALA B 178 -25.69 12.90 1.04
CA ALA B 178 -26.94 13.40 1.59
C ALA B 178 -28.06 13.38 0.55
N THR B 179 -27.74 13.74 -0.69
CA THR B 179 -28.75 13.90 -1.74
C THR B 179 -28.36 13.25 -3.06
N ALA B 180 -29.36 13.09 -3.92
CA ALA B 180 -29.19 12.56 -5.27
C ALA B 180 -28.16 13.39 -6.05
N GLU B 181 -28.25 14.71 -5.91
CA GLU B 181 -27.36 15.62 -6.63
C GLU B 181 -25.89 15.42 -6.23
N ASP B 182 -25.63 15.22 -4.93
CA ASP B 182 -24.26 14.94 -4.47
C ASP B 182 -23.73 13.64 -5.06
N ALA B 183 -24.60 12.64 -5.15
CA ALA B 183 -24.25 11.33 -5.70
C ALA B 183 -23.82 11.48 -7.16
N VAL B 184 -24.64 12.17 -7.95
CA VAL B 184 -24.30 12.45 -9.36
C VAL B 184 -22.99 13.24 -9.48
N SER B 185 -22.80 14.25 -8.65
CA SER B 185 -21.55 15.02 -8.67
C SER B 185 -20.33 14.16 -8.32
N GLN B 186 -20.51 13.19 -7.44
CA GLN B 186 -19.40 12.29 -7.07
C GLN B 186 -18.87 11.49 -8.27
N LEU B 187 -19.78 11.04 -9.13
CA LEU B 187 -19.38 10.30 -10.33
C LEU B 187 -18.40 11.09 -11.19
N SER B 188 -18.64 12.39 -11.35
CA SER B 188 -17.70 13.26 -12.07
C SER B 188 -16.35 13.31 -11.38
N ASP B 189 -16.35 13.39 -10.04
CA ASP B 189 -15.08 13.36 -9.29
C ASP B 189 -14.31 12.08 -9.55
N TYR B 190 -15.02 10.95 -9.58
CA TYR B 190 -14.38 9.67 -9.88
C TYR B 190 -13.79 9.71 -11.30
N TRP B 191 -14.57 10.19 -12.27
CA TRP B 191 -14.08 10.31 -13.65
C TRP B 191 -12.88 11.23 -13.79
N LYS B 192 -12.82 12.30 -13.01
CA LYS B 192 -11.61 13.15 -13.00
C LYS B 192 -10.36 12.34 -12.65
N VAL B 193 -10.48 11.44 -11.68
CA VAL B 193 -9.32 10.66 -11.25
C VAL B 193 -8.93 9.62 -12.30
N ILE B 194 -9.92 8.98 -12.92
CA ILE B 194 -9.68 8.06 -14.02
C ILE B 194 -8.91 8.73 -15.18
N ASP B 195 -9.34 9.93 -15.58
CA ASP B 195 -8.67 10.64 -16.69
C ASP B 195 -7.23 10.99 -16.34
N THR B 196 -6.99 11.44 -15.11
CA THR B 196 -5.63 11.67 -14.63
C THR B 196 -4.76 10.41 -14.69
N ILE B 197 -5.30 9.28 -14.22
CA ILE B 197 -4.52 8.05 -14.18
C ILE B 197 -4.30 7.51 -15.58
N PHE B 198 -5.40 7.31 -16.30
CA PHE B 198 -5.38 6.62 -17.59
C PHE B 198 -4.67 7.45 -18.67
N SER B 199 -5.06 8.72 -18.79
CA SER B 199 -4.63 9.58 -19.90
C SER B 199 -3.44 10.48 -19.59
N ASP B 200 -3.52 11.31 -18.55
CA ASP B 200 -2.43 12.23 -18.23
C ASP B 200 -1.15 11.47 -17.86
N GLU B 201 -1.30 10.36 -17.14
CA GLU B 201 -0.15 9.62 -16.62
C GLU B 201 0.20 8.35 -17.43
N LEU B 202 -0.78 7.51 -17.73
CA LEU B 202 -0.51 6.27 -18.48
C LEU B 202 -0.69 6.40 -19.98
N CYS B 203 -1.02 7.61 -20.45
CA CYS B 203 -1.04 7.93 -21.87
C CYS B 203 -1.92 7.05 -22.75
N PHE B 204 -3.05 6.58 -22.24
CA PHE B 204 -4.04 5.87 -23.07
C PHE B 204 -5.47 6.36 -22.82
N LYS B 205 -6.39 5.89 -23.66
CA LYS B 205 -7.75 6.36 -23.69
C LYS B 205 -8.71 5.17 -23.59
N GLY B 206 -9.88 5.40 -23.01
CA GLY B 206 -10.93 4.42 -22.97
C GLY B 206 -12.24 5.05 -23.42
N GLN B 207 -13.19 4.22 -23.86
CA GLN B 207 -14.52 4.72 -24.21
C GLN B 207 -15.40 4.80 -22.96
N LYS B 208 -15.75 6.03 -22.56
CA LYS B 208 -16.68 6.26 -21.47
C LYS B 208 -18.09 5.92 -21.90
N LEU B 209 -18.74 5.01 -21.20
CA LEU B 209 -20.12 4.62 -21.51
C LEU B 209 -20.99 4.48 -20.28
N ARG B 210 -22.27 4.74 -20.47
CA ARG B 210 -23.29 4.25 -19.57
C ARG B 210 -23.55 2.78 -19.97
N ARG B 211 -23.17 1.85 -19.10
CA ARG B 211 -23.36 0.43 -19.37
C ARG B 211 -24.84 0.14 -19.59
N VAL B 212 -25.15 -0.71 -20.57
CA VAL B 212 -26.54 -1.12 -20.82
C VAL B 212 -27.24 -1.56 -19.52
N CYS B 213 -28.50 -1.18 -19.39
CA CYS B 213 -29.19 -1.32 -18.11
C CYS B 213 -29.43 -2.77 -17.68
N TRP B 214 -29.48 -3.69 -18.63
CA TRP B 214 -29.62 -5.13 -18.31
C TRP B 214 -28.30 -5.80 -17.88
N ASP B 215 -27.19 -5.05 -17.88
CA ASP B 215 -25.89 -5.55 -17.41
C ASP B 215 -25.21 -4.57 -16.41
N ARG B 216 -26.02 -3.87 -15.64
CA ARG B 216 -25.55 -3.02 -14.53
C ARG B 216 -24.82 -3.84 -13.47
N PHE B 217 -23.96 -3.15 -12.72
CA PHE B 217 -23.38 -3.72 -11.50
C PHE B 217 -24.54 -4.22 -10.61
N PRO B 218 -24.41 -5.44 -10.07
CA PRO B 218 -25.50 -6.02 -9.28
C PRO B 218 -25.84 -5.18 -8.06
N GLY B 219 -27.03 -4.58 -8.05
CA GLY B 219 -27.45 -3.68 -6.99
C GLY B 219 -27.46 -2.21 -7.39
N ALA B 220 -26.68 -1.86 -8.41
CA ALA B 220 -26.61 -0.47 -8.88
C ALA B 220 -27.91 0.01 -9.50
N ASP B 221 -28.18 1.32 -9.38
CA ASP B 221 -29.21 2.00 -10.15
C ASP B 221 -28.77 2.27 -11.59
N TYR B 222 -27.49 2.61 -11.78
CA TYR B 222 -26.88 2.62 -13.11
C TYR B 222 -25.37 2.53 -12.97
N SER B 223 -24.72 2.15 -14.06
CA SER B 223 -23.29 1.88 -14.08
C SER B 223 -22.64 2.56 -15.26
N GLU B 224 -21.53 3.24 -14.98
CA GLU B 224 -20.71 3.89 -15.97
C GLU B 224 -19.33 3.22 -16.01
N VAL B 225 -18.76 3.12 -17.20
CA VAL B 225 -17.56 2.33 -17.42
C VAL B 225 -16.61 2.97 -18.42
N SER B 226 -15.36 2.55 -18.34
CA SER B 226 -14.36 2.83 -19.34
C SER B 226 -14.00 1.51 -20.02
N ASP B 227 -14.48 1.34 -21.25
CA ASP B 227 -14.16 0.17 -22.07
C ASP B 227 -12.97 0.48 -22.97
N VAL B 228 -11.84 -0.16 -22.71
CA VAL B 228 -10.59 0.18 -23.38
C VAL B 228 -10.33 -0.80 -24.52
N VAL B 229 -10.14 -0.29 -25.73
CA VAL B 229 -9.78 -1.15 -26.86
C VAL B 229 -8.35 -1.69 -26.69
N MET B 230 -8.23 -3.02 -26.70
CA MET B 230 -6.96 -3.71 -26.59
C MET B 230 -6.44 -4.07 -27.99
N PRO B 231 -5.13 -4.38 -28.10
CA PRO B 231 -4.54 -4.65 -29.43
C PRO B 231 -5.16 -5.80 -30.20
N CYS B 232 -5.82 -6.74 -29.51
CA CYS B 232 -6.54 -7.83 -30.17
C CYS B 232 -7.88 -7.40 -30.78
N GLY B 233 -8.36 -6.21 -30.41
CA GLY B 233 -9.63 -5.71 -30.93
C GLY B 233 -10.82 -5.92 -30.01
N ARG B 234 -10.63 -6.68 -28.93
CA ARG B 234 -11.64 -6.76 -27.88
C ARG B 234 -11.50 -5.57 -26.97
N VAL B 235 -12.57 -5.22 -26.26
CA VAL B 235 -12.51 -4.18 -25.22
C VAL B 235 -12.38 -4.81 -23.83
N LEU B 236 -11.71 -4.08 -22.94
CA LEU B 236 -11.53 -4.49 -21.56
C LEU B 236 -12.16 -3.44 -20.65
N GLN B 237 -13.11 -3.83 -19.81
CA GLN B 237 -13.70 -2.91 -18.84
C GLN B 237 -12.67 -2.64 -17.76
N THR B 238 -12.22 -1.39 -17.71
CA THR B 238 -11.04 -1.01 -16.94
C THR B 238 -11.35 0.00 -15.83
N ALA B 239 -12.55 0.55 -15.85
CA ALA B 239 -13.09 1.28 -14.70
C ALA B 239 -14.55 0.96 -14.58
N GLY B 240 -15.03 0.85 -13.35
CA GLY B 240 -16.45 0.72 -13.06
C GLY B 240 -16.85 1.77 -12.04
N ILE B 241 -17.78 2.63 -12.42
CA ILE B 241 -18.20 3.76 -11.61
C ILE B 241 -19.72 3.75 -11.49
N HIS B 242 -20.23 3.58 -10.27
CA HIS B 242 -21.64 3.24 -10.06
C HIS B 242 -22.41 4.15 -9.12
N ASN B 243 -23.65 4.44 -9.50
CA ASN B 243 -24.60 5.13 -8.63
C ASN B 243 -25.53 4.05 -8.10
N LEU B 244 -25.41 3.76 -6.81
CA LEU B 244 -26.17 2.67 -6.19
C LEU B 244 -27.54 3.11 -5.66
N GLY B 245 -27.82 4.41 -5.79
CA GLY B 245 -29.08 4.97 -5.32
C GLY B 245 -29.24 4.84 -3.82
N GLN B 246 -30.45 4.51 -3.40
CA GLN B 246 -30.77 4.33 -1.99
C GLN B 246 -31.02 2.86 -1.62
N ARG B 247 -30.87 1.96 -2.59
CA ARG B 247 -31.19 0.54 -2.42
C ARG B 247 -30.44 -0.11 -1.27
N PHE B 248 -29.11 0.06 -1.27
CA PHE B 248 -28.26 -0.50 -0.22
C PHE B 248 -28.50 0.16 1.14
N SER B 249 -28.83 1.45 1.13
CA SER B 249 -29.11 2.18 2.36
C SER B 249 -30.36 1.64 3.06
N SER B 250 -31.35 1.26 2.28
CA SER B 250 -32.55 0.63 2.83
C SER B 250 -32.23 -0.78 3.34
N THR B 251 -31.48 -1.54 2.55
CA THR B 251 -31.15 -2.92 2.91
C THR B 251 -30.28 -2.96 4.17
N PHE B 252 -29.29 -2.08 4.25
CA PHE B 252 -28.37 -2.08 5.40
C PHE B 252 -28.75 -1.07 6.49
N ASP B 253 -29.93 -0.49 6.38
CA ASP B 253 -30.47 0.43 7.38
C ASP B 253 -29.52 1.60 7.66
N ILE B 254 -29.10 2.27 6.58
CA ILE B 254 -28.34 3.49 6.68
C ILE B 254 -29.31 4.65 6.64
N LEU B 255 -29.42 5.35 7.75
CA LEU B 255 -30.34 6.46 7.88
C LEU B 255 -29.63 7.61 8.58
N TYR B 256 -29.91 8.83 8.15
CA TYR B 256 -29.42 10.01 8.82
C TYR B 256 -30.55 10.98 9.10
N ALA B 257 -30.47 11.68 10.23
CA ALA B 257 -31.38 12.75 10.54
C ALA B 257 -30.94 13.99 9.79
N ASN B 258 -31.81 14.52 8.93
CA ASN B 258 -31.50 15.76 8.21
C ASN B 258 -31.71 16.99 9.11
N LYS B 259 -31.58 18.19 8.55
CA LYS B 259 -31.71 19.43 9.33
C LYS B 259 -33.10 19.63 9.92
N ALA B 260 -34.12 19.12 9.23
CA ALA B 260 -35.51 19.16 9.73
C ALA B 260 -35.80 17.98 10.67
N ASN B 261 -34.79 17.18 10.97
CA ASN B 261 -34.93 15.98 11.82
C ASN B 261 -35.80 14.89 11.17
N GLU B 262 -35.86 14.91 9.85
CA GLU B 262 -36.45 13.82 9.09
C GLU B 262 -35.37 12.77 8.91
N SER B 263 -35.76 11.50 9.07
CA SER B 263 -34.88 10.37 8.90
C SER B 263 -34.84 10.03 7.41
N VAL B 264 -33.66 10.05 6.81
CA VAL B 264 -33.49 9.93 5.35
C VAL B 264 -32.46 8.87 4.96
N HIS B 265 -32.73 8.17 3.87
CA HIS B 265 -31.79 7.20 3.31
C HIS B 265 -30.81 7.97 2.42
N PRO B 266 -29.52 7.94 2.76
CA PRO B 266 -28.54 8.60 1.92
C PRO B 266 -28.31 7.82 0.63
N TYR B 267 -27.74 8.49 -0.36
CA TYR B 267 -27.35 7.88 -1.61
C TYR B 267 -25.98 7.26 -1.48
N LEU B 268 -25.73 6.17 -2.20
CA LEU B 268 -24.40 5.53 -2.23
C LEU B 268 -23.81 5.52 -3.64
N THR B 269 -22.50 5.77 -3.73
CA THR B 269 -21.75 5.60 -4.97
C THR B 269 -20.47 4.78 -4.72
N CYS B 270 -19.94 4.19 -5.79
CA CYS B 270 -18.63 3.53 -5.70
C CYS B 270 -17.90 3.52 -7.01
N ALA B 271 -16.59 3.32 -6.92
CA ALA B 271 -15.72 3.32 -8.09
C ALA B 271 -14.63 2.29 -7.89
N GLY B 272 -14.31 1.55 -8.95
CA GLY B 272 -13.32 0.49 -8.88
C GLY B 272 -12.37 0.49 -10.06
N ILE B 273 -11.09 0.36 -9.76
CA ILE B 273 -10.05 0.07 -10.75
C ILE B 273 -9.15 -1.06 -10.22
N SER B 274 -8.70 -1.91 -11.13
CA SER B 274 -7.92 -3.06 -10.77
C SER B 274 -6.61 -3.11 -11.58
N THR B 275 -5.97 -4.27 -11.57
CA THR B 275 -4.77 -4.57 -12.35
C THR B 275 -4.97 -4.43 -13.87
N ARG B 276 -6.22 -4.42 -14.31
CA ARG B 276 -6.56 -4.16 -15.72
C ARG B 276 -6.04 -2.83 -16.26
N VAL B 277 -5.91 -1.83 -15.39
CA VAL B 277 -5.33 -0.54 -15.79
C VAL B 277 -3.89 -0.75 -16.27
N LEU B 278 -3.11 -1.50 -15.49
CA LEU B 278 -1.75 -1.87 -15.85
C LEU B 278 -1.75 -2.70 -17.14
N ALA B 279 -2.66 -3.68 -17.23
CA ALA B 279 -2.81 -4.46 -18.45
C ALA B 279 -2.93 -3.56 -19.68
N CYS B 280 -3.79 -2.54 -19.60
CA CYS B 280 -4.02 -1.59 -20.70
C CYS B 280 -2.74 -0.83 -21.09
N ALA B 281 -2.12 -0.19 -20.11
CA ALA B 281 -0.91 0.61 -20.33
C ALA B 281 0.21 -0.23 -20.96
N LEU B 282 0.39 -1.47 -20.51
CA LEU B 282 1.46 -2.30 -21.04
C LEU B 282 1.13 -2.75 -22.46
N SER B 283 -0.14 -3.11 -22.67
CA SER B 283 -0.57 -3.75 -23.91
C SER B 283 -0.62 -2.77 -25.06
N ILE B 284 -1.12 -1.57 -24.78
CA ILE B 284 -1.33 -0.56 -25.81
C ILE B 284 -0.02 0.05 -26.28
N HIS B 285 0.90 0.31 -25.35
CA HIS B 285 2.18 0.93 -25.67
C HIS B 285 3.25 -0.06 -26.13
N GLY B 286 3.10 -1.33 -25.78
CA GLY B 286 4.07 -2.36 -26.15
C GLY B 286 4.37 -2.42 -27.64
N ASP B 287 5.56 -2.89 -27.99
CA ASP B 287 5.95 -3.10 -29.39
C ASP B 287 6.73 -4.41 -29.51
N SER B 288 7.33 -4.63 -30.68
CA SER B 288 8.05 -5.87 -31.01
C SER B 288 9.23 -6.17 -30.09
N GLY B 289 9.83 -5.15 -29.48
CA GLY B 289 10.94 -5.33 -28.56
C GLY B 289 10.50 -5.63 -27.12
N GLY B 290 9.20 -5.58 -26.87
CA GLY B 290 8.65 -5.80 -25.53
C GLY B 290 7.94 -4.58 -24.99
N LEU B 291 8.23 -4.22 -23.73
CA LEU B 291 7.52 -3.17 -23.05
C LEU B 291 8.00 -1.79 -23.46
N VAL B 292 7.11 -0.82 -23.33
CA VAL B 292 7.39 0.59 -23.53
C VAL B 292 6.60 1.30 -22.42
N LEU B 293 7.26 1.65 -21.33
CA LEU B 293 6.60 2.09 -20.10
C LEU B 293 6.44 3.60 -20.00
N PRO B 294 5.21 4.08 -19.73
CA PRO B 294 5.07 5.45 -19.29
C PRO B 294 5.89 5.71 -18.01
N PRO B 295 6.41 6.93 -17.83
CA PRO B 295 7.27 7.25 -16.68
C PRO B 295 6.69 6.87 -15.32
N LEU B 296 5.40 7.09 -15.11
CA LEU B 296 4.73 6.77 -13.84
C LEU B 296 5.08 5.36 -13.35
N ILE B 297 5.05 4.40 -14.26
CA ILE B 297 5.22 2.99 -13.90
C ILE B 297 6.55 2.39 -14.29
N ALA B 298 7.51 3.21 -14.71
CA ALA B 298 8.85 2.70 -15.02
C ALA B 298 9.63 2.57 -13.72
N PRO B 299 10.00 1.33 -13.32
CA PRO B 299 10.85 1.21 -12.12
C PRO B 299 12.19 1.95 -12.27
N ILE B 300 12.69 2.05 -13.50
CA ILE B 300 13.86 2.85 -13.84
C ILE B 300 13.49 3.78 -14.99
N HIS B 301 13.46 5.08 -14.74
CA HIS B 301 13.19 6.04 -15.81
C HIS B 301 14.32 6.05 -16.84
N VAL B 302 15.55 5.92 -16.36
CA VAL B 302 16.75 6.14 -17.15
C VAL B 302 17.83 5.12 -16.81
N VAL B 303 18.37 4.46 -17.82
CA VAL B 303 19.55 3.61 -17.61
C VAL B 303 20.75 4.28 -18.24
N ILE B 304 21.80 4.51 -17.46
CA ILE B 304 23.02 5.12 -17.97
C ILE B 304 24.03 4.01 -18.19
N ILE B 305 24.56 3.93 -19.41
CA ILE B 305 25.47 2.85 -19.77
C ILE B 305 26.86 3.40 -20.13
N PRO B 306 27.87 3.08 -19.31
CA PRO B 306 29.24 3.39 -19.70
C PRO B 306 29.65 2.52 -20.88
N ILE B 307 30.17 3.13 -21.94
CA ILE B 307 30.62 2.37 -23.11
C ILE B 307 32.12 2.48 -23.30
N GLY B 308 32.68 1.47 -23.95
CA GLY B 308 34.10 1.43 -24.29
C GLY B 308 35.06 1.31 -23.11
N CYS B 309 34.57 0.89 -21.95
CA CYS B 309 35.42 0.67 -20.79
C CYS B 309 36.07 -0.71 -20.83
N GLY B 310 37.11 -0.90 -20.01
CA GLY B 310 37.82 -2.17 -19.93
C GLY B 310 38.90 -2.41 -20.97
N LYS B 311 39.24 -1.38 -21.75
CA LYS B 311 40.32 -1.49 -22.74
C LYS B 311 41.69 -1.54 -22.07
N LYS B 312 42.69 -2.00 -22.82
CA LYS B 312 44.04 -2.21 -22.29
C LYS B 312 44.75 -0.89 -21.96
N ASN B 313 45.24 -0.80 -20.73
CA ASN B 313 45.92 0.40 -20.22
C ASN B 313 45.06 1.65 -20.33
N ASN B 314 43.77 1.50 -20.03
CA ASN B 314 42.80 2.60 -20.12
C ASN B 314 42.01 2.72 -18.82
N GLN B 315 42.67 2.41 -17.70
CA GLN B 315 42.03 2.46 -16.38
C GLN B 315 41.72 3.89 -15.96
N GLU B 316 42.58 4.84 -16.34
CA GLU B 316 42.37 6.24 -16.00
C GLU B 316 41.15 6.83 -16.72
N SER B 317 41.03 6.55 -18.01
CA SER B 317 39.88 7.01 -18.80
C SER B 317 38.59 6.41 -18.27
N ASP B 318 38.63 5.14 -17.90
CA ASP B 318 37.47 4.46 -17.31
C ASP B 318 36.97 5.18 -16.06
N GLN B 319 37.87 5.50 -15.15
CA GLN B 319 37.51 6.23 -13.93
C GLN B 319 36.84 7.58 -14.23
N GLN B 320 37.33 8.27 -15.26
CA GLN B 320 36.76 9.56 -15.66
C GLN B 320 35.37 9.38 -16.26
N VAL B 321 35.19 8.36 -17.08
CA VAL B 321 33.89 8.06 -17.68
C VAL B 321 32.93 7.65 -16.58
N LEU B 322 33.33 6.67 -15.78
CA LEU B 322 32.52 6.19 -14.67
C LEU B 322 32.23 7.29 -13.65
N GLY B 323 33.21 8.17 -13.44
CA GLY B 323 33.03 9.36 -12.60
C GLY B 323 31.94 10.31 -13.10
N LYS B 324 31.89 10.55 -14.40
CA LYS B 324 30.89 11.48 -14.96
C LYS B 324 29.51 10.83 -15.00
N VAL B 325 29.45 9.54 -15.31
CA VAL B 325 28.20 8.77 -15.22
C VAL B 325 27.54 8.94 -13.84
N ASN B 326 28.34 8.94 -12.77
CA ASN B 326 27.83 9.14 -11.41
C ASN B 326 27.30 10.55 -11.16
N GLU B 327 28.00 11.56 -11.67
CA GLU B 327 27.54 12.95 -11.56
C GLU B 327 26.24 13.19 -12.32
N ILE B 328 26.09 12.52 -13.47
CA ILE B 328 24.82 12.54 -14.20
C ILE B 328 23.73 11.85 -13.38
N ALA B 329 24.02 10.64 -12.90
CA ALA B 329 23.06 9.90 -12.08
C ALA B 329 22.61 10.72 -10.85
N ASP B 330 23.57 11.32 -10.14
CA ASP B 330 23.29 12.07 -8.92
C ASP B 330 22.41 13.30 -9.17
N THR B 331 22.70 14.03 -10.24
CA THR B 331 21.86 15.16 -10.66
C THR B 331 20.43 14.70 -11.00
N LEU B 332 20.31 13.68 -11.85
CA LEU B 332 18.99 13.16 -12.24
C LEU B 332 18.17 12.64 -11.04
N LYS B 333 18.83 12.03 -10.05
CA LYS B 333 18.13 11.53 -8.86
C LYS B 333 17.80 12.66 -7.87
N SER B 334 18.83 13.41 -7.47
CA SER B 334 18.70 14.39 -6.40
C SER B 334 17.91 15.63 -6.78
N LYS B 335 18.13 16.17 -7.97
CA LYS B 335 17.49 17.42 -8.39
C LYS B 335 16.14 17.22 -9.10
N LEU B 336 15.96 16.08 -9.77
CA LEU B 336 14.75 15.83 -10.54
C LEU B 336 13.86 14.73 -9.97
N GLY B 337 14.38 13.92 -9.05
CA GLY B 337 13.62 12.83 -8.46
C GLY B 337 13.41 11.62 -9.36
N LEU B 338 14.26 11.49 -10.39
CA LEU B 338 14.16 10.38 -11.35
C LEU B 338 14.77 9.12 -10.77
N ARG B 339 14.24 7.97 -11.20
CA ARG B 339 14.80 6.69 -10.86
C ARG B 339 15.81 6.36 -11.94
N VAL B 340 17.06 6.20 -11.53
CA VAL B 340 18.18 6.02 -12.44
C VAL B 340 18.95 4.76 -12.09
N SER B 341 19.36 4.02 -13.11
CA SER B 341 20.24 2.87 -12.93
C SER B 341 21.51 3.02 -13.76
N ILE B 342 22.60 2.46 -13.26
CA ILE B 342 23.89 2.42 -13.95
C ILE B 342 24.26 0.97 -14.19
N ASP B 343 24.37 0.58 -15.47
CA ASP B 343 24.79 -0.79 -15.82
C ASP B 343 26.26 -0.82 -16.18
N ASP B 344 27.10 -0.99 -15.17
CA ASP B 344 28.55 -1.02 -15.36
C ASP B 344 29.12 -2.44 -15.54
N ASP B 345 28.29 -3.37 -16.04
CA ASP B 345 28.75 -4.74 -16.29
C ASP B 345 29.42 -4.80 -17.66
N PHE B 346 30.74 -4.74 -17.68
CA PHE B 346 31.50 -4.61 -18.93
C PHE B 346 31.67 -5.93 -19.69
N SER B 347 31.27 -7.04 -19.07
CA SER B 347 31.30 -8.35 -19.74
C SER B 347 30.21 -8.48 -20.80
N LYS B 348 29.04 -7.91 -20.52
CA LYS B 348 27.89 -7.97 -21.44
C LYS B 348 28.10 -7.04 -22.62
N SER B 349 27.80 -7.51 -23.83
CA SER B 349 27.85 -6.67 -25.02
C SER B 349 26.73 -5.63 -24.99
N MET B 350 26.91 -4.54 -25.73
CA MET B 350 25.85 -3.53 -25.84
C MET B 350 24.57 -4.11 -26.42
N GLY B 351 24.68 -4.97 -27.41
CA GLY B 351 23.52 -5.66 -28.00
C GLY B 351 22.67 -6.36 -26.96
N ASP B 352 23.31 -7.11 -26.07
CA ASP B 352 22.61 -7.83 -25.01
C ASP B 352 22.04 -6.89 -23.96
N LYS B 353 22.76 -5.82 -23.64
CA LYS B 353 22.24 -4.81 -22.69
C LYS B 353 21.00 -4.13 -23.26
N LEU B 354 21.09 -3.71 -24.52
CA LEU B 354 20.01 -3.00 -25.19
C LEU B 354 18.77 -3.86 -25.30
N TYR B 355 18.93 -5.10 -25.75
CA TYR B 355 17.85 -6.08 -25.77
C TYR B 355 17.09 -6.08 -24.45
N TYR B 356 17.82 -6.19 -23.35
CA TYR B 356 17.24 -6.32 -22.01
C TYR B 356 16.48 -5.07 -21.59
N TYR B 357 17.12 -3.91 -21.69
CA TYR B 357 16.50 -2.65 -21.28
C TYR B 357 15.32 -2.25 -22.15
N GLU B 358 15.37 -2.62 -23.44
CA GLU B 358 14.23 -2.40 -24.31
C GLU B 358 13.09 -3.37 -24.00
N LEU B 359 13.44 -4.63 -23.73
CA LEU B 359 12.46 -5.63 -23.26
C LEU B 359 11.72 -5.13 -22.02
N LYS B 360 12.45 -4.51 -21.10
CA LYS B 360 11.89 -4.04 -19.83
C LYS B 360 11.27 -2.64 -19.95
N GLY B 361 11.33 -2.05 -21.14
CA GLY B 361 10.67 -0.80 -21.43
C GLY B 361 11.17 0.44 -20.74
N VAL B 362 12.46 0.47 -20.40
CA VAL B 362 13.05 1.65 -19.76
C VAL B 362 12.93 2.85 -20.71
N PRO B 363 12.27 3.94 -20.27
CA PRO B 363 12.01 5.09 -21.16
C PRO B 363 13.22 5.65 -21.87
N LEU B 364 14.32 5.86 -21.14
CA LEU B 364 15.50 6.51 -21.70
C LEU B 364 16.77 5.76 -21.33
N ARG B 365 17.68 5.60 -22.29
CA ARG B 365 19.06 5.28 -21.95
C ARG B 365 19.99 6.40 -22.38
N ILE B 366 20.99 6.64 -21.55
CA ILE B 366 22.05 7.57 -21.86
C ILE B 366 23.33 6.75 -22.01
N GLU B 367 24.06 6.97 -23.10
CA GLU B 367 25.34 6.31 -23.31
C GLU B 367 26.42 7.37 -23.16
N VAL B 368 27.42 7.05 -22.34
CA VAL B 368 28.55 7.93 -22.07
C VAL B 368 29.82 7.11 -22.27
N GLY B 369 30.68 7.58 -23.17
CA GLY B 369 31.97 6.93 -23.42
C GLY B 369 33.11 7.93 -23.52
N GLN B 370 34.34 7.42 -23.59
CA GLN B 370 35.54 8.25 -23.60
C GLN B 370 35.49 9.31 -24.69
N ARG B 371 35.20 8.88 -25.92
CA ARG B 371 35.20 9.79 -27.07
C ARG B 371 34.18 10.91 -26.89
N ASP B 372 32.94 10.55 -26.59
CA ASP B 372 31.87 11.54 -26.42
C ASP B 372 32.13 12.47 -25.23
N LEU B 373 32.73 11.94 -24.16
CA LEU B 373 33.15 12.73 -23.01
C LEU B 373 34.19 13.78 -23.38
N ALA B 374 35.05 13.45 -24.34
CA ALA B 374 36.05 14.40 -24.87
C ALA B 374 35.37 15.54 -25.63
N ASN B 375 34.31 15.21 -26.37
CA ASN B 375 33.53 16.22 -27.09
C ASN B 375 32.44 16.88 -26.22
N GLY B 376 32.34 16.47 -24.96
CA GLY B 376 31.35 17.04 -24.03
C GLY B 376 29.91 16.60 -24.30
N GLN B 377 29.74 15.46 -24.96
CA GLN B 377 28.42 14.97 -25.36
C GLN B 377 28.12 13.62 -24.72
N CYS B 378 26.83 13.29 -24.66
CA CYS B 378 26.36 11.93 -24.40
C CYS B 378 25.20 11.62 -25.36
N ILE B 379 24.85 10.34 -25.46
CA ILE B 379 23.81 9.90 -26.36
C ILE B 379 22.59 9.51 -25.53
N VAL B 380 21.45 10.12 -25.85
CA VAL B 380 20.19 9.87 -25.17
C VAL B 380 19.19 9.29 -26.16
N VAL B 381 18.66 8.11 -25.84
CA VAL B 381 17.80 7.36 -26.75
C VAL B 381 16.49 7.01 -26.06
N PRO B 382 15.36 7.60 -26.52
CA PRO B 382 14.06 7.21 -25.95
C PRO B 382 13.61 5.86 -26.48
N ARG B 383 12.80 5.16 -25.69
CA ARG B 383 12.43 3.77 -25.95
C ARG B 383 11.50 3.57 -27.16
N ASP B 384 10.58 4.51 -27.38
CA ASP B 384 9.55 4.33 -28.41
C ASP B 384 10.05 4.52 -29.84
N VAL B 385 11.07 5.36 -30.02
CA VAL B 385 11.62 5.64 -31.36
C VAL B 385 12.95 4.94 -31.60
N GLY B 386 13.72 4.73 -30.53
CA GLY B 386 14.91 3.91 -30.57
C GLY B 386 16.15 4.55 -31.15
N LYS B 387 17.11 3.70 -31.52
CA LYS B 387 18.45 4.09 -31.96
C LYS B 387 18.43 5.05 -33.15
N ASP B 388 17.49 4.84 -34.07
CA ASP B 388 17.45 5.60 -35.33
C ASP B 388 17.27 7.10 -35.11
N GLN B 389 16.62 7.46 -34.00
CA GLN B 389 16.41 8.87 -33.66
C GLN B 389 17.08 9.22 -32.31
N LYS B 390 18.31 8.75 -32.13
CA LYS B 390 19.11 9.11 -30.97
C LYS B 390 19.34 10.61 -30.89
N ARG B 391 19.44 11.14 -29.67
CA ARG B 391 19.75 12.55 -29.45
C ARG B 391 21.16 12.71 -28.90
N VAL B 392 21.94 13.56 -29.54
CA VAL B 392 23.23 13.97 -29.00
C VAL B 392 22.96 15.22 -28.16
N ILE B 393 23.23 15.12 -26.87
CA ILE B 393 23.00 16.20 -25.93
C ILE B 393 24.28 16.45 -25.18
N PRO B 394 24.75 17.72 -25.14
CA PRO B 394 25.91 18.06 -24.33
C PRO B 394 25.72 17.65 -22.88
N ILE B 395 26.80 17.19 -22.23
CA ILE B 395 26.73 16.74 -20.84
C ILE B 395 26.34 17.89 -19.93
N THR B 396 26.88 19.08 -20.22
CA THR B 396 26.55 20.29 -19.47
C THR B 396 25.04 20.57 -19.49
N GLU B 397 24.42 20.45 -20.66
CA GLU B 397 22.97 20.62 -20.80
C GLU B 397 22.21 19.59 -19.95
N VAL B 398 22.63 18.32 -20.03
CA VAL B 398 22.04 17.26 -19.21
C VAL B 398 22.12 17.54 -17.71
N MET B 399 23.21 18.18 -17.27
CA MET B 399 23.37 18.56 -15.85
C MET B 399 22.62 19.86 -15.52
N LYS B 400 22.22 20.61 -16.55
CA LYS B 400 21.55 21.90 -16.37
C LYS B 400 20.14 21.72 -15.81
N VAL B 401 19.90 22.33 -14.66
CA VAL B 401 18.61 22.29 -13.97
C VAL B 401 18.23 23.72 -13.61
N SER B 402 17.04 24.15 -14.04
CA SER B 402 16.49 25.44 -13.65
C SER B 402 15.20 25.21 -12.86
N SER B 403 14.95 26.09 -11.90
CA SER B 403 13.81 25.95 -10.99
C SER B 403 13.25 27.32 -10.67
N HIS B 404 11.93 27.37 -10.45
CA HIS B 404 11.28 28.55 -9.90
C HIS B 404 10.07 28.17 -9.05
N THR B 405 9.61 29.10 -8.22
CA THR B 405 8.45 28.88 -7.36
C THR B 405 7.30 29.77 -7.85
N THR B 406 6.15 29.16 -8.08
CA THR B 406 4.97 29.86 -8.60
C THR B 406 4.21 30.59 -7.47
N GLU B 407 3.15 31.30 -7.82
CA GLU B 407 2.29 31.99 -6.84
C GLU B 407 1.87 31.09 -5.69
N ASN B 408 1.50 29.86 -6.01
CA ASN B 408 1.03 28.89 -5.01
C ASN B 408 2.18 28.16 -4.30
N HIS B 409 3.39 28.69 -4.43
CA HIS B 409 4.60 28.15 -3.80
C HIS B 409 4.93 26.72 -4.25
N GLU B 410 4.58 26.41 -5.50
CA GLU B 410 4.82 25.08 -6.08
C GLU B 410 6.13 25.10 -6.88
N LEU B 411 6.99 24.12 -6.64
CA LEU B 411 8.30 24.05 -7.29
C LEU B 411 8.18 23.48 -8.70
N VAL B 412 8.65 24.25 -9.68
CA VAL B 412 8.63 23.86 -11.09
C VAL B 412 10.07 23.70 -11.57
N VAL B 413 10.52 22.45 -11.70
CA VAL B 413 11.89 22.13 -12.11
C VAL B 413 11.92 21.81 -13.61
N LYS B 414 12.97 22.27 -14.29
CA LYS B 414 13.11 22.09 -15.74
C LYS B 414 14.49 21.54 -16.11
N ASN B 415 14.51 20.60 -17.05
CA ASN B 415 15.73 19.89 -17.41
C ASN B 415 15.51 19.13 -18.72
N VAL B 416 16.57 18.97 -19.51
CA VAL B 416 16.46 18.34 -20.81
C VAL B 416 16.00 16.87 -20.71
N ILE B 417 16.48 16.12 -19.72
CA ILE B 417 16.06 14.72 -19.55
C ILE B 417 14.58 14.66 -19.17
N LYS B 418 14.15 15.53 -18.27
CA LYS B 418 12.73 15.71 -18.00
C LYS B 418 11.97 16.04 -19.30
N ASP B 419 12.43 17.06 -20.04
CA ASP B 419 11.81 17.41 -21.34
C ASP B 419 11.66 16.19 -22.25
N GLU B 420 12.70 15.35 -22.27
CA GLU B 420 12.68 14.13 -23.09
C GLU B 420 11.66 13.12 -22.60
N LEU B 421 11.52 13.00 -21.28
CA LEU B 421 10.48 12.13 -20.72
C LEU B 421 9.08 12.63 -21.06
N ASP B 422 8.87 13.94 -20.92
CA ASP B 422 7.60 14.58 -21.28
C ASP B 422 7.26 14.45 -22.75
N ALA B 423 8.27 14.60 -23.62
CA ALA B 423 8.06 14.44 -25.06
C ALA B 423 7.73 12.98 -25.38
N TYR B 424 8.39 12.08 -24.66
CA TYR B 424 8.14 10.64 -24.75
C TYR B 424 6.69 10.27 -24.40
N LYS B 425 6.22 10.78 -23.27
CA LYS B 425 4.82 10.65 -22.86
C LYS B 425 3.86 11.14 -23.93
N ALA B 426 4.14 12.33 -24.45
CA ALA B 426 3.27 12.96 -25.45
C ALA B 426 3.22 12.16 -26.77
N ARG B 427 4.34 11.55 -27.16
CA ARG B 427 4.33 10.64 -28.33
C ARG B 427 3.53 9.36 -28.05
N LEU B 428 3.71 8.77 -26.87
CA LEU B 428 2.92 7.58 -26.49
C LEU B 428 1.43 7.89 -26.51
N LYS B 429 1.07 9.04 -25.94
CA LYS B 429 -0.32 9.50 -25.82
C LYS B 429 -0.97 9.68 -27.19
N GLU B 430 -0.29 10.41 -28.06
CA GLU B 430 -0.77 10.65 -29.42
C GLU B 430 -0.99 9.35 -30.18
N LYS B 431 -0.05 8.42 -30.04
CA LYS B 431 -0.13 7.13 -30.73
C LYS B 431 -1.27 6.27 -30.13
N ALA B 432 -1.42 6.28 -28.81
CA ALA B 432 -2.50 5.53 -28.14
C ALA B 432 -3.89 6.08 -28.46
N PHE B 433 -4.03 7.40 -28.46
CA PHE B 433 -5.31 8.04 -28.76
C PHE B 433 -5.68 7.82 -30.22
N ALA B 434 -4.69 7.88 -31.11
CA ALA B 434 -4.94 7.61 -32.53
C ALA B 434 -5.43 6.19 -32.68
N PHE B 435 -4.82 5.25 -31.95
CA PHE B 435 -5.24 3.85 -32.00
C PHE B 435 -6.68 3.66 -31.55
N HIS B 436 -7.05 4.30 -30.43
CA HIS B 436 -8.43 4.27 -29.97
C HIS B 436 -9.37 4.84 -31.03
N ASN B 437 -9.06 6.04 -31.51
CA ASN B 437 -9.90 6.71 -32.52
C ASN B 437 -10.09 5.87 -33.80
N SER B 438 -9.03 5.16 -34.20
CA SER B 438 -9.09 4.26 -35.34
C SER B 438 -9.95 2.99 -35.09
N MET B 439 -10.22 2.69 -33.82
CA MET B 439 -10.99 1.50 -33.43
C MET B 439 -12.39 1.86 -32.90
N VAL B 440 -12.90 2.98 -33.38
CA VAL B 440 -14.31 3.35 -33.25
C VAL B 440 -14.82 3.52 -34.68
N THR B 441 -15.75 2.65 -35.09
CA THR B 441 -16.25 2.63 -36.46
C THR B 441 -17.76 2.82 -36.50
N ASN B 442 -18.20 3.81 -37.26
CA ASN B 442 -19.63 4.08 -37.42
C ASN B 442 -20.28 3.07 -38.36
N CYS B 443 -21.43 2.52 -37.95
CA CYS B 443 -22.14 1.50 -38.72
C CYS B 443 -23.62 1.85 -38.84
N LYS B 444 -24.18 1.61 -40.02
CA LYS B 444 -25.57 1.97 -40.33
C LYS B 444 -26.48 0.76 -40.49
N SER B 445 -25.99 -0.43 -40.12
CA SER B 445 -26.75 -1.66 -40.30
C SER B 445 -26.20 -2.83 -39.50
N PHE B 446 -27.01 -3.85 -39.32
CA PHE B 446 -26.57 -5.09 -38.67
C PHE B 446 -25.32 -5.64 -39.35
N ASP B 447 -25.35 -5.73 -40.68
CA ASP B 447 -24.25 -6.26 -41.47
C ASP B 447 -22.95 -5.48 -41.29
N GLU B 448 -23.05 -4.15 -41.28
CA GLU B 448 -21.88 -3.30 -41.10
C GLU B 448 -21.26 -3.46 -39.71
N ILE B 449 -22.09 -3.61 -38.67
CA ILE B 449 -21.58 -3.88 -37.33
C ILE B 449 -20.85 -5.23 -37.27
N VAL B 450 -21.47 -6.26 -37.85
CA VAL B 450 -20.88 -7.60 -37.87
C VAL B 450 -19.55 -7.64 -38.64
N ALA B 451 -19.51 -7.04 -39.82
CA ALA B 451 -18.28 -7.01 -40.63
C ALA B 451 -17.17 -6.25 -39.89
N CYS B 452 -17.55 -5.22 -39.14
CA CYS B 452 -16.59 -4.44 -38.35
C CYS B 452 -15.97 -5.31 -37.26
N ILE B 453 -16.83 -5.93 -36.47
CA ILE B 453 -16.42 -6.84 -35.41
C ILE B 453 -15.48 -7.93 -35.95
N GLU B 454 -15.88 -8.57 -37.04
CA GLU B 454 -15.12 -9.69 -37.60
C GLU B 454 -13.80 -9.26 -38.25
N ASN B 455 -13.84 -8.22 -39.08
CA ASN B 455 -12.68 -7.86 -39.91
C ASN B 455 -11.72 -6.87 -39.27
N LYS B 456 -12.25 -6.00 -38.42
CA LYS B 456 -11.48 -4.89 -37.87
C LYS B 456 -11.33 -4.98 -36.36
N GLY B 457 -12.42 -5.33 -35.69
CA GLY B 457 -12.45 -5.31 -34.22
C GLY B 457 -12.69 -3.92 -33.69
N GLY B 458 -12.44 -3.73 -32.40
CA GLY B 458 -12.69 -2.46 -31.73
C GLY B 458 -14.17 -2.25 -31.47
N LEU B 459 -14.56 -0.98 -31.40
CA LEU B 459 -15.93 -0.61 -31.09
C LEU B 459 -16.70 -0.30 -32.37
N ALA B 460 -17.92 -0.83 -32.48
CA ALA B 460 -18.84 -0.50 -33.56
C ALA B 460 -19.90 0.44 -33.01
N ARG B 461 -19.95 1.65 -33.55
CA ARG B 461 -20.83 2.71 -33.07
C ARG B 461 -22.00 2.84 -34.03
N PHE B 462 -23.21 2.90 -33.50
CA PHE B 462 -24.40 2.90 -34.35
C PHE B 462 -25.57 3.57 -33.66
N PRO B 463 -26.37 4.35 -34.42
CA PRO B 463 -27.58 4.91 -33.82
C PRO B 463 -28.54 3.77 -33.48
N PHE B 464 -29.26 3.92 -32.38
CA PHE B 464 -30.10 2.84 -31.84
C PHE B 464 -31.35 3.44 -31.19
N TYR B 465 -32.45 2.70 -31.25
CA TYR B 465 -33.78 3.22 -30.93
C TYR B 465 -34.14 3.33 -29.44
N THR B 466 -33.36 2.71 -28.55
CA THR B 466 -33.70 2.71 -27.13
C THR B 466 -32.49 2.50 -26.21
N THR B 467 -32.57 3.05 -25.00
CA THR B 467 -31.60 2.77 -23.97
C THR B 467 -32.24 1.93 -22.87
N GLU B 468 -33.48 1.49 -23.13
CA GLU B 468 -34.27 0.75 -22.16
C GLU B 468 -34.08 -0.76 -22.34
N ALA B 469 -34.72 -1.53 -21.47
CA ALA B 469 -34.48 -2.97 -21.33
C ALA B 469 -34.77 -3.80 -22.58
N ASP B 470 -35.72 -3.36 -23.41
CA ASP B 470 -36.04 -4.10 -24.64
C ASP B 470 -34.91 -4.11 -25.68
N GLY B 471 -33.89 -3.27 -25.49
CA GLY B 471 -32.70 -3.31 -26.34
C GLY B 471 -31.90 -4.60 -26.24
N GLU B 472 -32.09 -5.34 -25.16
CA GLU B 472 -31.39 -6.62 -24.96
C GLU B 472 -31.68 -7.63 -26.08
N VAL B 473 -32.84 -7.52 -26.71
CA VAL B 473 -33.21 -8.39 -27.85
C VAL B 473 -32.13 -8.32 -28.94
N TRP B 474 -31.67 -7.10 -29.23
CA TRP B 474 -30.61 -6.86 -30.20
C TRP B 474 -29.22 -7.23 -29.69
N ASP B 475 -28.99 -7.09 -28.39
CA ASP B 475 -27.75 -7.58 -27.79
C ASP B 475 -27.58 -9.08 -28.08
N LYS B 476 -28.65 -9.86 -27.88
CA LYS B 476 -28.62 -11.30 -28.15
C LYS B 476 -28.39 -11.64 -29.63
N LYS B 477 -29.06 -10.93 -30.54
CA LYS B 477 -28.85 -11.19 -31.98
C LYS B 477 -27.39 -10.93 -32.39
N LEU B 478 -26.81 -9.86 -31.84
CA LEU B 478 -25.43 -9.51 -32.16
C LEU B 478 -24.45 -10.51 -31.59
N LYS B 479 -24.69 -10.92 -30.34
CA LYS B 479 -23.88 -11.99 -29.71
C LYS B 479 -23.91 -13.28 -30.53
N ASP B 480 -25.10 -13.68 -30.98
CA ASP B 480 -25.25 -14.90 -31.80
C ASP B 480 -24.56 -14.79 -33.15
N ALA B 481 -24.57 -13.59 -33.73
CA ALA B 481 -24.05 -13.36 -35.09
C ALA B 481 -22.52 -13.28 -35.12
N CYS B 482 -21.93 -12.60 -34.14
CA CYS B 482 -20.48 -12.34 -34.16
C CYS B 482 -19.81 -12.31 -32.77
N SER B 483 -20.52 -12.71 -31.72
CA SER B 483 -19.98 -12.76 -30.36
C SER B 483 -19.64 -11.37 -29.76
N ALA B 484 -20.23 -10.33 -30.33
CA ALA B 484 -20.07 -8.98 -29.81
C ALA B 484 -21.29 -8.62 -29.00
N GLU B 485 -21.10 -7.76 -28.01
CA GLU B 485 -22.20 -7.34 -27.17
C GLU B 485 -22.37 -5.85 -27.16
N ILE B 486 -23.61 -5.41 -26.95
CA ILE B 486 -23.88 -4.00 -26.79
C ILE B 486 -23.36 -3.60 -25.42
N ARG B 487 -22.39 -2.67 -25.42
CA ARG B 487 -21.71 -2.25 -24.21
C ARG B 487 -22.42 -1.09 -23.54
N GLY B 488 -22.88 -0.15 -24.35
CA GLY B 488 -23.66 0.98 -23.84
C GLY B 488 -23.60 2.20 -24.74
N HIS B 489 -24.06 3.33 -24.20
CA HIS B 489 -24.03 4.59 -24.91
C HIS B 489 -23.42 5.67 -24.02
N ASN B 490 -22.98 6.76 -24.63
CA ASN B 490 -22.50 7.92 -23.91
C ASN B 490 -23.62 8.96 -23.87
N PRO B 491 -24.19 9.23 -22.68
CA PRO B 491 -25.31 10.17 -22.63
C PRO B 491 -24.93 11.58 -23.06
N ASP B 492 -23.66 11.93 -22.94
CA ASP B 492 -23.14 13.24 -23.37
C ASP B 492 -23.04 13.40 -24.89
N GLU B 493 -23.16 12.30 -25.64
CA GLU B 493 -23.26 12.37 -27.10
C GLU B 493 -24.72 12.52 -27.47
N ASN B 494 -25.07 13.62 -28.13
CA ASN B 494 -26.46 13.85 -28.51
C ASN B 494 -26.75 13.47 -29.96
N VAL B 495 -27.81 12.68 -30.14
CA VAL B 495 -28.17 12.19 -31.46
C VAL B 495 -28.75 13.33 -32.29
N LEU B 496 -28.45 13.32 -33.58
CA LEU B 496 -28.98 14.31 -34.49
C LEU B 496 -30.45 13.99 -34.70
N PRO B 497 -31.31 15.02 -34.75
CA PRO B 497 -32.73 14.70 -34.99
C PRO B 497 -32.92 14.06 -36.37
N GLY B 498 -33.86 13.13 -36.48
CA GLY B 498 -34.14 12.47 -37.74
C GLY B 498 -33.21 11.31 -38.09
N GLU B 499 -32.22 11.04 -37.25
CA GLU B 499 -31.36 9.88 -37.45
C GLU B 499 -32.17 8.63 -37.08
N VAL B 500 -31.94 7.53 -37.77
CA VAL B 500 -32.70 6.31 -37.55
C VAL B 500 -31.82 5.21 -36.97
N CYS B 501 -32.46 4.33 -36.20
CA CYS B 501 -31.80 3.18 -35.59
C CYS B 501 -31.27 2.24 -36.66
N ALA B 502 -29.98 1.91 -36.56
CA ALA B 502 -29.32 0.99 -37.51
C ALA B 502 -29.95 -0.40 -37.58
N LEU B 503 -30.65 -0.82 -36.53
CA LEU B 503 -31.12 -2.20 -36.43
C LEU B 503 -32.62 -2.37 -36.68
N SER B 504 -33.43 -1.47 -36.14
CA SER B 504 -34.90 -1.58 -36.21
C SER B 504 -35.53 -0.68 -37.26
N GLY B 505 -34.82 0.38 -37.66
CA GLY B 505 -35.38 1.40 -38.55
C GLY B 505 -36.18 2.48 -37.85
N LYS B 506 -36.41 2.32 -36.54
CA LYS B 506 -37.16 3.28 -35.74
C LYS B 506 -36.33 4.53 -35.48
N PRO B 507 -36.94 5.60 -34.91
CA PRO B 507 -36.16 6.80 -34.64
C PRO B 507 -35.04 6.53 -33.62
N ALA B 508 -33.87 7.10 -33.85
CA ALA B 508 -32.72 6.89 -32.97
C ALA B 508 -32.78 7.84 -31.78
N VAL B 509 -32.51 7.31 -30.59
CA VAL B 509 -32.42 8.14 -29.37
C VAL B 509 -31.01 8.17 -28.78
N CYS B 510 -30.07 7.41 -29.34
CA CYS B 510 -28.69 7.36 -28.84
C CYS B 510 -27.77 6.67 -29.84
N TYR B 511 -26.47 6.74 -29.59
CA TYR B 511 -25.49 5.91 -30.31
C TYR B 511 -25.00 4.82 -29.36
N MET B 512 -25.31 3.57 -29.69
CA MET B 512 -24.80 2.46 -28.92
C MET B 512 -23.42 2.08 -29.44
N TYR B 513 -22.65 1.44 -28.56
CA TYR B 513 -21.35 0.89 -28.90
C TYR B 513 -21.35 -0.61 -28.63
N CYS B 514 -20.94 -1.36 -29.64
CA CYS B 514 -20.92 -2.81 -29.58
C CYS B 514 -19.46 -3.25 -29.72
N ALA B 515 -19.11 -4.34 -29.03
CA ALA B 515 -17.75 -4.89 -29.08
C ALA B 515 -17.65 -6.29 -28.49
N LYS B 516 -16.61 -7.02 -28.93
CA LYS B 516 -16.18 -8.23 -28.26
C LYS B 516 -15.46 -7.84 -26.98
N SER B 517 -15.79 -8.52 -25.89
CA SER B 517 -15.27 -8.19 -24.59
C SER B 517 -14.34 -9.28 -24.10
N TYR B 518 -13.42 -8.90 -23.22
CA TYR B 518 -12.65 -9.86 -22.41
C TYR B 518 -13.53 -10.34 -21.28
C PR8 C . 7.48 -14.06 11.40
N PR8 C . 7.66 -14.71 9.03
O PR8 C . 6.29 -14.35 11.29
P PR8 C . 7.08 -13.45 13.82
N1 PR8 C . -1.52 -9.48 16.13
C2 PR8 C . -0.73 -8.44 15.82
N3 PR8 C . 0.55 -8.60 15.52
C4 PR8 C . 1.10 -9.82 15.51
C5 PR8 C . 0.31 -10.92 15.82
C6 PR8 C . -1.03 -10.73 16.13
N6 PR8 C . -1.82 -11.77 16.43
N7 PR8 C . 1.07 -12.00 15.74
C8 PR8 C . 2.30 -11.60 15.39
N9 PR8 C . 2.33 -10.28 15.26
CA PR8 C . 8.43 -14.21 10.19
CB PR8 C . 8.96 -12.83 9.84
CD PR8 C . 7.67 -13.62 8.05
CG PR8 C . 7.93 -12.35 8.86
C1' PR8 C . 3.53 -9.48 14.87
O10 PR8 C . 8.08 -13.59 12.54
O1P PR8 C . 6.59 -14.77 14.30
C2' PR8 C . 4.68 -9.39 15.91
O2' PR8 C . 5.31 -8.11 15.79
O2P PR8 C . 7.97 -12.68 14.93
C3' PR8 C . 5.68 -10.37 15.40
O3' PR8 C . 6.97 -9.99 15.89
C4' PR8 C . 5.57 -10.04 13.91
O4' PR8 C . 4.14 -10.11 13.69
C5' PR8 C . 6.31 -11.07 13.06
O5' PR8 C . 5.91 -12.41 13.41
C1 GOL D . 9.06 -16.54 18.97
O1 GOL D . 9.29 -15.27 19.51
C2 GOL D . 8.27 -16.42 17.66
O2 GOL D . 7.82 -17.70 17.23
C3 GOL D . 9.17 -15.83 16.59
O3 GOL D . 9.08 -14.43 16.65
C1 GOL E . -14.22 31.04 18.09
O1 GOL E . -13.28 31.84 17.38
C2 GOL E . -14.19 29.60 17.59
O2 GOL E . -15.15 28.83 18.28
C3 GOL E . -12.81 28.98 17.80
O3 GOL E . -12.19 28.76 16.55
C1 GOL F . 3.97 6.07 31.45
O1 GOL F . 3.52 4.74 31.50
C2 GOL F . 4.99 6.25 30.34
O2 GOL F . 4.38 5.90 29.11
C3 GOL F . 5.50 7.68 30.30
O3 GOL F . 6.77 7.74 29.70
C1 GOL G . -5.17 -10.16 2.22
O1 GOL G . -3.99 -10.45 2.90
C2 GOL G . -4.90 -9.02 1.26
O2 GOL G . -3.99 -8.06 1.77
C3 GOL G . -6.21 -8.34 1.03
O3 GOL G . -7.17 -9.26 0.55
C PR8 H . -17.27 -2.80 -8.71
N PR8 H . -17.52 -2.53 -6.32
O PR8 H . -16.88 -3.93 -8.41
P PR8 H . -16.81 -3.30 -11.10
N1 PR8 H . -9.62 -9.55 -12.97
C2 PR8 H . -9.07 -8.34 -12.99
N3 PR8 H . -9.79 -7.23 -12.84
C4 PR8 H . -11.11 -7.28 -12.68
C5 PR8 H . -11.73 -8.53 -12.66
C6 PR8 H . -10.95 -9.68 -12.82
N6 PR8 H . -11.53 -10.89 -12.79
N7 PR8 H . -13.03 -8.33 -12.48
C8 PR8 H . -13.24 -7.01 -12.39
N9 PR8 H . -12.07 -6.37 -12.51
CA PR8 H . -17.66 -1.81 -7.60
CB PR8 H . -16.66 -0.67 -7.58
CD PR8 H . -16.74 -1.67 -5.43
CG PR8 H . -15.76 -0.97 -6.39
C1' PR8 H . -11.91 -4.88 -12.46
O10 PR8 H . -17.41 -2.31 -9.97
O1P PR8 H . -17.64 -4.51 -11.32
C2' PR8 H . -12.55 -4.18 -13.68
O2' PR8 H . -11.71 -3.09 -14.12
O2P PR8 H . -16.75 -2.41 -12.43
C3' PR8 H . -13.80 -3.56 -13.10
O3' PR8 H . -14.21 -2.43 -13.88
C4' PR8 H . -13.20 -3.09 -11.78
O4' PR8 H . -12.62 -4.32 -11.30
C5' PR8 H . -14.31 -2.58 -10.89
O5' PR8 H . -15.29 -3.58 -10.69
C1 GOL I . -19.46 -3.30 -13.51
O1 GOL I . -18.42 -4.24 -13.68
C2 GOL I . -20.71 -3.80 -14.23
O2 GOL I . -20.78 -5.22 -14.15
C3 GOL I . -20.72 -3.32 -15.68
O3 GOL I . -20.36 -4.35 -16.58
C1 GOL J . 8.11 12.33 -15.58
O1 GOL J . 7.01 12.56 -16.41
C2 GOL J . 8.43 13.59 -14.76
O2 GOL J . 8.83 14.62 -15.65
C3 GOL J . 9.56 13.30 -13.77
O3 GOL J . 9.09 12.67 -12.59
#